data_9FW6
#
_entry.id   9FW6
#
_cell.length_a   50.59
_cell.length_b   93.083
_cell.length_c   131.671
_cell.angle_alpha   90
_cell.angle_beta   90
_cell.angle_gamma   90
#
_symmetry.space_group_name_H-M   'P 21 21 21'
#
loop_
_entity.id
_entity.type
_entity.pdbx_description
1 polymer 'Adenosine kinase'
2 non-polymer "ADENOSINE-5'-DIPHOSPHATE"
3 non-polymer ADENOSINE
4 non-polymer 'SODIUM ION'
5 non-polymer 1,2-ETHANEDIOL
6 water water
#
_entity_poly.entity_id   1
_entity_poly.type   'polypeptide(L)'
_entity_poly.pdbx_seq_one_letter_code
;MGSSHHHHHHSQDPNSSSMASEGVLLGMGNPLLDISCVVDDAFLEKYGLTLNNAILAEDKHLPMYKELAANPDVEYIAGG
ATQNTIRIAQWMLGESNATSYFGCVGKDEYGDRMFKLASEGGVNIRYDVDEDLPTGTCGVLVVKGERSLVANLSAANKYK
IDHLKKPENWAFVEKAKYIYSAGFFLTVSPESMMTVAKHAAETGKYYMINLAAPFICQFFKDPLMELFPYVDFIFGNESE
ARAFAQVQGWETEDTKVIAVKLAALPKAGGTHKRVAVITQGTDPTIVAEDGKVTEFPVTPIPKEKLVDTNAAGDSFVGGF
LSQLVLGKDIAQCVRAGNYAASVIIQRSGCTFPSKPSFESQ
;
_entity_poly.pdbx_strand_id   A,B
#
# COMPACT_ATOMS: atom_id res chain seq x y z
N SER A 21 -32.22 6.91 15.33
CA SER A 21 -31.44 6.02 14.45
C SER A 21 -29.94 6.27 14.70
N GLU A 22 -29.51 6.11 15.98
CA GLU A 22 -28.15 6.34 16.45
C GLU A 22 -27.12 5.54 15.67
N GLY A 23 -26.09 6.21 15.17
CA GLY A 23 -25.00 5.58 14.44
C GLY A 23 -25.41 4.75 13.23
N VAL A 24 -26.58 5.02 12.61
CA VAL A 24 -27.07 4.28 11.45
C VAL A 24 -26.05 4.32 10.27
N LEU A 25 -25.28 5.42 10.12
CA LEU A 25 -24.27 5.53 9.08
C LEU A 25 -22.87 5.71 9.70
N LEU A 26 -21.92 4.87 9.29
CA LEU A 26 -20.53 4.96 9.74
C LEU A 26 -19.62 5.24 8.55
N GLY A 27 -18.68 6.16 8.71
CA GLY A 27 -17.67 6.43 7.70
C GLY A 27 -16.29 6.14 8.27
N MET A 28 -15.36 5.71 7.42
CA MET A 28 -13.98 5.43 7.83
C MET A 28 -13.08 6.04 6.75
N GLY A 29 -12.16 6.92 7.12
CA GLY A 29 -11.28 7.55 6.15
C GLY A 29 -10.08 8.29 6.73
N ASN A 30 -9.58 9.25 5.95
CA ASN A 30 -8.42 10.07 6.27
C ASN A 30 -8.85 11.49 6.68
N PRO A 31 -8.85 11.82 8.01
CA PRO A 31 -9.27 13.18 8.40
C PRO A 31 -8.15 14.18 8.14
N LEU A 32 -8.37 15.11 7.20
CA LEU A 32 -7.34 16.06 6.79
C LEU A 32 -7.80 17.50 6.93
N LEU A 33 -6.88 18.40 7.30
CA LEU A 33 -7.22 19.83 7.33
C LEU A 33 -6.89 20.41 5.96
N ASP A 34 -7.87 21.00 5.29
CA ASP A 34 -7.65 21.62 3.99
C ASP A 34 -6.99 23.01 4.13
N ILE A 35 -5.91 23.22 3.39
CA ILE A 35 -5.16 24.46 3.29
C ILE A 35 -5.58 24.95 1.90
N SER A 36 -6.65 25.74 1.87
CA SER A 36 -7.23 26.20 0.62
C SER A 36 -6.84 27.61 0.23
N CYS A 37 -6.55 27.81 -1.07
CA CYS A 37 -6.18 29.13 -1.56
C CYS A 37 -6.57 29.30 -3.02
N VAL A 38 -7.06 30.50 -3.36
CA VAL A 38 -7.35 30.87 -4.75
C VAL A 38 -5.99 31.26 -5.30
N VAL A 39 -5.48 30.48 -6.27
CA VAL A 39 -4.19 30.70 -6.94
C VAL A 39 -4.49 30.92 -8.47
N ASP A 40 -3.50 30.82 -9.38
CA ASP A 40 -3.72 31.01 -10.81
C ASP A 40 -3.11 29.83 -11.62
N ASP A 41 -3.16 29.89 -12.97
CA ASP A 41 -2.62 28.83 -13.82
C ASP A 41 -1.10 28.64 -13.62
N ALA A 42 -0.35 29.75 -13.40
CA ALA A 42 1.10 29.69 -13.19
C ALA A 42 1.49 28.86 -11.96
N PHE A 43 0.75 28.94 -10.85
CA PHE A 43 1.10 28.17 -9.64
C PHE A 43 0.96 26.65 -9.86
N LEU A 44 -0.04 26.22 -10.64
CA LEU A 44 -0.24 24.80 -10.96
C LEU A 44 0.90 24.30 -11.85
N GLU A 45 1.30 25.12 -12.85
CA GLU A 45 2.39 24.80 -13.77
C GLU A 45 3.68 24.65 -12.98
N LYS A 46 3.94 25.57 -12.01
CA LYS A 46 5.14 25.53 -11.18
C LYS A 46 5.34 24.17 -10.49
N TYR A 47 4.30 23.62 -9.83
CA TYR A 47 4.42 22.35 -9.11
C TYR A 47 3.91 21.11 -9.92
N GLY A 48 3.71 21.24 -11.23
CA GLY A 48 3.30 20.14 -12.10
C GLY A 48 1.96 19.52 -11.74
N LEU A 49 0.96 20.35 -11.47
CA LEU A 49 -0.35 19.88 -11.08
C LEU A 49 -1.40 20.07 -12.19
N THR A 50 -2.53 19.34 -12.08
CA THR A 50 -3.65 19.31 -13.02
C THR A 50 -4.95 19.66 -12.30
N LEU A 51 -5.79 20.51 -12.92
CA LEU A 51 -7.10 20.84 -12.33
C LEU A 51 -8.01 19.59 -12.34
N ASN A 52 -8.97 19.53 -11.42
CA ASN A 52 -9.88 18.38 -11.27
C ASN A 52 -9.08 17.07 -11.04
N ASN A 53 -7.91 17.14 -10.34
CA ASN A 53 -7.09 15.97 -10.04
C ASN A 53 -6.70 15.96 -8.53
N ALA A 54 -6.38 14.78 -8.02
CA ALA A 54 -5.92 14.60 -6.63
C ALA A 54 -4.69 13.71 -6.66
N ILE A 55 -3.64 14.08 -5.92
CA ILE A 55 -2.39 13.32 -5.84
C ILE A 55 -1.96 13.23 -4.37
N LEU A 56 -0.97 12.36 -4.06
CA LEU A 56 -0.34 12.32 -2.75
C LEU A 56 0.92 13.19 -2.82
N ALA A 57 1.16 13.99 -1.77
CA ALA A 57 2.29 14.91 -1.71
C ALA A 57 3.62 14.19 -1.87
N GLU A 58 4.53 14.84 -2.58
CA GLU A 58 5.90 14.39 -2.78
C GLU A 58 6.81 15.45 -2.12
N ASP A 59 8.12 15.17 -2.00
CA ASP A 59 9.07 16.14 -1.42
C ASP A 59 9.02 17.50 -2.16
N LYS A 60 8.91 17.51 -3.50
CA LYS A 60 8.81 18.75 -4.30
C LYS A 60 7.63 19.67 -3.92
N HIS A 61 6.63 19.16 -3.18
CA HIS A 61 5.48 19.95 -2.75
C HIS A 61 5.67 20.64 -1.40
N LEU A 62 6.81 20.43 -0.67
CA LEU A 62 7.02 21.13 0.60
C LEU A 62 7.14 22.67 0.38
N PRO A 63 7.88 23.17 -0.65
CA PRO A 63 7.83 24.63 -0.91
C PRO A 63 6.42 25.13 -1.23
N MET A 64 5.57 24.32 -1.84
CA MET A 64 4.19 24.70 -2.16
C MET A 64 3.41 24.98 -0.88
N TYR A 65 3.48 24.07 0.11
CA TYR A 65 2.78 24.27 1.38
C TYR A 65 3.27 25.53 2.10
N LYS A 66 4.57 25.84 1.98
CA LYS A 66 5.15 27.03 2.58
C LYS A 66 4.58 28.28 1.89
N GLU A 67 4.50 28.26 0.54
CA GLU A 67 3.92 29.37 -0.22
C GLU A 67 2.44 29.57 0.10
N LEU A 68 1.68 28.49 0.29
CA LEU A 68 0.27 28.61 0.64
C LEU A 68 0.11 29.31 1.99
N ALA A 69 0.94 28.93 2.99
CA ALA A 69 0.89 29.52 4.33
C ALA A 69 1.11 31.04 4.34
N ALA A 70 1.91 31.58 3.40
CA ALA A 70 2.19 33.02 3.28
C ALA A 70 1.19 33.78 2.40
N ASN A 71 0.27 33.10 1.71
CA ASN A 71 -0.68 33.76 0.81
C ASN A 71 -1.75 34.49 1.63
N PRO A 72 -2.07 35.77 1.36
CA PRO A 72 -3.06 36.46 2.20
C PRO A 72 -4.49 35.90 2.16
N ASP A 73 -4.89 35.18 1.09
CA ASP A 73 -6.23 34.61 0.98
C ASP A 73 -6.35 33.14 1.43
N VAL A 74 -5.30 32.56 2.03
CA VAL A 74 -5.34 31.16 2.50
C VAL A 74 -6.42 30.97 3.58
N GLU A 75 -7.13 29.83 3.53
CA GLU A 75 -8.23 29.43 4.41
C GLU A 75 -7.94 28.01 4.98
N TYR A 76 -8.20 27.75 6.28
CA TYR A 76 -8.00 26.45 6.89
C TYR A 76 -9.41 25.95 7.20
N ILE A 77 -9.82 24.83 6.55
CA ILE A 77 -11.16 24.26 6.59
C ILE A 77 -11.06 22.75 6.88
N ALA A 78 -11.95 22.18 7.71
CA ALA A 78 -11.94 20.74 7.94
C ALA A 78 -12.26 20.01 6.61
N GLY A 79 -11.42 19.04 6.25
CA GLY A 79 -11.53 18.29 5.01
C GLY A 79 -11.46 16.79 5.20
N GLY A 80 -10.95 16.10 4.19
CA GLY A 80 -10.95 14.64 4.14
C GLY A 80 -12.23 14.23 3.45
N ALA A 81 -12.13 13.44 2.38
CA ALA A 81 -13.29 13.08 1.56
C ALA A 81 -14.43 12.38 2.35
N THR A 82 -14.12 11.27 3.08
CA THR A 82 -15.13 10.55 3.86
C THR A 82 -15.70 11.46 4.94
N GLN A 83 -14.84 12.18 5.67
CA GLN A 83 -15.30 13.10 6.73
C GLN A 83 -16.24 14.17 6.20
N ASN A 84 -15.97 14.73 4.98
CA ASN A 84 -16.87 15.70 4.39
C ASN A 84 -18.26 15.06 4.13
N THR A 85 -18.26 13.86 3.54
CA THR A 85 -19.50 13.12 3.21
C THR A 85 -20.31 12.88 4.50
N ILE A 86 -19.65 12.42 5.58
CA ILE A 86 -20.32 12.14 6.85
C ILE A 86 -20.86 13.41 7.52
N ARG A 87 -20.09 14.50 7.46
CA ARG A 87 -20.55 15.76 8.08
C ARG A 87 -21.78 16.29 7.33
N ILE A 88 -21.78 16.18 6.02
CA ILE A 88 -22.90 16.59 5.18
C ILE A 88 -24.14 15.73 5.45
N ALA A 89 -23.97 14.40 5.54
CA ALA A 89 -25.08 13.48 5.80
C ALA A 89 -25.71 13.80 7.16
N GLN A 90 -24.88 14.08 8.16
CA GLN A 90 -25.32 14.45 9.50
C GLN A 90 -26.11 15.78 9.50
N TRP A 91 -25.63 16.78 8.76
CA TRP A 91 -26.31 18.06 8.61
C TRP A 91 -27.70 17.86 7.95
N MET A 92 -27.78 17.03 6.91
CA MET A 92 -29.05 16.75 6.22
C MET A 92 -30.01 15.96 7.12
N LEU A 93 -29.49 15.00 7.91
CA LEU A 93 -30.32 14.20 8.81
C LEU A 93 -30.87 15.03 9.97
N GLY A 94 -30.04 15.87 10.56
CA GLY A 94 -30.46 16.77 11.63
C GLY A 94 -30.72 16.18 13.01
N GLU A 95 -30.52 14.86 13.20
CA GLU A 95 -30.72 14.21 14.50
C GLU A 95 -29.33 13.85 15.04
N SER A 96 -28.92 14.45 16.18
CA SER A 96 -27.59 14.23 16.76
C SER A 96 -27.19 12.74 16.87
N ASN A 97 -25.91 12.45 16.57
CA ASN A 97 -25.30 11.13 16.64
C ASN A 97 -25.90 10.09 15.68
N ALA A 98 -26.63 10.50 14.62
CA ALA A 98 -27.09 9.55 13.59
C ALA A 98 -25.88 8.99 12.79
N THR A 99 -24.74 9.72 12.78
CA THR A 99 -23.54 9.31 12.08
C THR A 99 -22.34 9.13 13.02
N SER A 100 -21.37 8.32 12.57
CA SER A 100 -20.11 8.04 13.25
C SER A 100 -18.97 8.13 12.24
N TYR A 101 -17.75 8.39 12.70
CA TYR A 101 -16.60 8.48 11.81
C TYR A 101 -15.35 8.03 12.50
N PHE A 102 -14.56 7.17 11.82
CA PHE A 102 -13.26 6.67 12.28
C PHE A 102 -12.21 7.18 11.30
N GLY A 103 -11.05 7.50 11.86
CA GLY A 103 -9.92 8.05 11.13
C GLY A 103 -8.79 8.42 12.09
N CYS A 104 -7.56 8.56 11.60
CA CYS A 104 -6.42 8.83 12.47
C CYS A 104 -5.90 10.28 12.39
N VAL A 105 -5.65 10.88 13.55
CA VAL A 105 -5.12 12.25 13.67
C VAL A 105 -3.83 12.23 14.53
N GLY A 106 -3.13 13.36 14.56
CA GLY A 106 -1.96 13.56 15.40
C GLY A 106 -2.36 14.16 16.74
N LYS A 107 -1.39 14.20 17.67
CA LYS A 107 -1.59 14.77 19.01
C LYS A 107 -1.22 16.25 18.92
N ASP A 108 -1.99 17.01 18.13
CA ASP A 108 -1.74 18.43 17.88
C ASP A 108 -3.06 19.23 17.80
N GLU A 109 -2.95 20.55 17.58
CA GLU A 109 -4.10 21.46 17.52
C GLU A 109 -5.00 21.19 16.32
N TYR A 110 -4.43 20.87 15.16
CA TYR A 110 -5.22 20.59 13.96
C TYR A 110 -6.17 19.39 14.19
N GLY A 111 -5.68 18.35 14.88
CA GLY A 111 -6.50 17.19 15.22
C GLY A 111 -7.66 17.55 16.13
N ASP A 112 -7.40 18.33 17.17
CA ASP A 112 -8.44 18.74 18.11
C ASP A 112 -9.48 19.68 17.46
N ARG A 113 -9.01 20.55 16.56
CA ARG A 113 -9.85 21.50 15.84
C ARG A 113 -10.90 20.78 14.99
N MET A 114 -10.50 19.78 14.21
CA MET A 114 -11.44 19.01 13.39
C MET A 114 -12.37 18.19 14.29
N PHE A 115 -11.83 17.58 15.37
CA PHE A 115 -12.65 16.84 16.34
C PHE A 115 -13.82 17.69 16.88
N LYS A 116 -13.53 18.92 17.31
CA LYS A 116 -14.48 19.83 17.92
C LYS A 116 -15.54 20.33 16.92
N LEU A 117 -15.12 20.69 15.71
CA LEU A 117 -16.05 21.14 14.69
C LEU A 117 -17.08 20.02 14.33
N ALA A 118 -16.58 18.84 13.94
CA ALA A 118 -17.41 17.72 13.56
C ALA A 118 -18.32 17.25 14.71
N SER A 119 -17.80 17.15 15.94
CA SER A 119 -18.61 16.76 17.10
C SER A 119 -19.75 17.76 17.33
N GLU A 120 -19.48 19.08 17.25
CA GLU A 120 -20.51 20.11 17.42
C GLU A 120 -21.58 20.05 16.32
N GLY A 121 -21.23 19.53 15.13
CA GLY A 121 -22.18 19.32 14.04
C GLY A 121 -23.09 18.10 14.23
N GLY A 122 -22.83 17.29 15.25
CA GLY A 122 -23.60 16.09 15.59
C GLY A 122 -22.96 14.76 15.24
N VAL A 123 -21.78 14.75 14.60
CA VAL A 123 -21.09 13.51 14.23
C VAL A 123 -20.43 12.88 15.48
N ASN A 124 -20.56 11.55 15.65
CA ASN A 124 -19.90 10.84 16.75
C ASN A 124 -18.49 10.50 16.26
N ILE A 125 -17.51 11.33 16.61
CA ILE A 125 -16.13 11.18 16.17
C ILE A 125 -15.36 10.22 17.05
N ARG A 126 -14.82 9.15 16.44
CA ARG A 126 -13.98 8.19 17.14
C ARG A 126 -12.64 8.16 16.41
N TYR A 127 -11.76 9.11 16.74
CA TYR A 127 -10.45 9.19 16.11
C TYR A 127 -9.44 8.26 16.73
N ASP A 128 -8.67 7.59 15.88
CA ASP A 128 -7.47 6.86 16.27
C ASP A 128 -6.39 8.00 16.34
N VAL A 129 -5.34 7.82 17.15
CA VAL A 129 -4.27 8.83 17.26
C VAL A 129 -2.91 8.21 17.00
N ASP A 130 -2.04 8.97 16.32
CA ASP A 130 -0.65 8.59 16.11
C ASP A 130 0.18 9.40 17.11
N GLU A 131 1.12 8.75 17.79
CA GLU A 131 1.93 9.39 18.81
C GLU A 131 2.95 10.44 18.29
N ASP A 132 3.51 10.24 17.09
CA ASP A 132 4.62 11.07 16.61
C ASP A 132 4.40 11.93 15.39
N LEU A 133 3.42 11.61 14.54
CA LEU A 133 3.22 12.34 13.30
C LEU A 133 2.16 13.44 13.42
N PRO A 134 2.31 14.58 12.71
CA PRO A 134 1.25 15.60 12.76
C PRO A 134 -0.02 15.18 12.01
N THR A 135 -1.13 15.86 12.29
CA THR A 135 -2.40 15.62 11.63
C THR A 135 -2.26 15.91 10.14
N GLY A 136 -2.90 15.06 9.34
CA GLY A 136 -2.88 15.16 7.90
C GLY A 136 -3.49 16.45 7.39
N THR A 137 -2.98 16.91 6.25
CA THR A 137 -3.40 18.15 5.58
C THR A 137 -3.56 17.91 4.08
N CYS A 138 -4.27 18.81 3.41
CA CYS A 138 -4.42 18.75 1.97
C CYS A 138 -4.38 20.14 1.40
N GLY A 139 -3.52 20.33 0.41
CA GLY A 139 -3.46 21.58 -0.33
C GLY A 139 -4.60 21.56 -1.34
N VAL A 140 -5.47 22.56 -1.25
CA VAL A 140 -6.61 22.74 -2.13
C VAL A 140 -6.31 24.01 -2.93
N LEU A 141 -5.94 23.83 -4.19
CA LEU A 141 -5.59 24.95 -5.06
C LEU A 141 -6.77 25.26 -5.94
N VAL A 142 -7.37 26.45 -5.75
CA VAL A 142 -8.56 26.84 -6.48
C VAL A 142 -8.20 27.80 -7.62
N VAL A 143 -8.67 27.48 -8.86
CA VAL A 143 -8.46 28.30 -10.05
C VAL A 143 -9.83 28.41 -10.75
N LYS A 144 -10.40 29.63 -10.77
CA LYS A 144 -11.70 29.91 -11.38
C LYS A 144 -12.80 28.92 -10.92
N GLY A 145 -12.85 28.65 -9.61
CA GLY A 145 -13.82 27.74 -9.03
C GLY A 145 -13.45 26.27 -9.06
N GLU A 146 -12.54 25.86 -9.97
CA GLU A 146 -12.13 24.44 -10.05
C GLU A 146 -10.95 24.20 -9.09
N ARG A 147 -10.69 22.93 -8.69
CA ARG A 147 -9.65 22.67 -7.69
C ARG A 147 -8.69 21.52 -8.04
N SER A 148 -7.47 21.57 -7.45
CA SER A 148 -6.42 20.55 -7.58
C SER A 148 -5.98 20.22 -6.14
N LEU A 149 -5.96 18.93 -5.80
CA LEU A 149 -5.69 18.45 -4.45
C LEU A 149 -4.35 17.75 -4.29
N VAL A 150 -3.60 18.11 -3.22
CA VAL A 150 -2.30 17.52 -2.92
C VAL A 150 -2.36 17.10 -1.43
N ALA A 151 -2.57 15.80 -1.19
CA ALA A 151 -2.72 15.27 0.15
C ALA A 151 -1.41 14.88 0.84
N ASN A 152 -1.15 15.44 2.04
CA ASN A 152 -0.02 15.06 2.90
C ASN A 152 -0.68 14.34 4.09
N LEU A 153 -0.85 13.02 3.95
CA LEU A 153 -1.62 12.24 4.91
C LEU A 153 -1.05 12.25 6.32
N SER A 154 0.30 12.21 6.48
CA SER A 154 0.94 12.23 7.80
C SER A 154 0.27 11.20 8.80
N ALA A 155 -0.34 11.62 9.94
CA ALA A 155 -0.98 10.68 10.88
C ALA A 155 -2.20 9.96 10.31
N ALA A 156 -2.91 10.53 9.31
CA ALA A 156 -4.05 9.83 8.70
C ALA A 156 -3.62 8.50 8.06
N ASN A 157 -2.37 8.41 7.56
CA ASN A 157 -1.82 7.20 6.97
C ASN A 157 -1.50 6.09 8.03
N LYS A 158 -1.59 6.41 9.33
CA LYS A 158 -1.28 5.47 10.40
C LYS A 158 -2.49 4.89 11.10
N TYR A 159 -3.69 4.88 10.44
CA TYR A 159 -4.90 4.28 11.04
C TYR A 159 -4.63 2.80 11.31
N LYS A 160 -4.94 2.36 12.54
CA LYS A 160 -4.67 1.01 12.99
C LYS A 160 -5.94 0.19 13.10
N ILE A 161 -5.93 -1.03 12.55
CA ILE A 161 -7.06 -1.97 12.67
C ILE A 161 -7.34 -2.28 14.18
N ASP A 162 -6.32 -2.13 15.06
CA ASP A 162 -6.44 -2.28 16.50
C ASP A 162 -7.51 -1.32 17.09
N HIS A 163 -7.57 -0.07 16.59
CA HIS A 163 -8.59 0.90 16.98
C HIS A 163 -9.99 0.39 16.57
N LEU A 164 -10.12 -0.10 15.34
CA LEU A 164 -11.40 -0.63 14.83
C LEU A 164 -11.91 -1.79 15.70
N LYS A 165 -11.02 -2.70 16.11
CA LYS A 165 -11.40 -3.90 16.86
C LYS A 165 -11.55 -3.69 18.35
N LYS A 166 -11.26 -2.50 18.89
CA LYS A 166 -11.50 -2.25 20.32
C LYS A 166 -13.03 -2.31 20.58
N PRO A 167 -13.51 -3.00 21.63
CA PRO A 167 -14.97 -3.12 21.83
C PRO A 167 -15.79 -1.83 21.73
N GLU A 168 -15.29 -0.74 22.29
CA GLU A 168 -16.02 0.53 22.27
C GLU A 168 -16.16 1.12 20.87
N ASN A 169 -15.22 0.83 19.94
CA ASN A 169 -15.33 1.27 18.55
C ASN A 169 -16.07 0.24 17.69
N TRP A 170 -15.88 -1.08 17.94
CA TRP A 170 -16.60 -2.11 17.21
C TRP A 170 -18.10 -1.98 17.44
N ALA A 171 -18.54 -1.55 18.65
CA ALA A 171 -19.96 -1.32 18.93
C ALA A 171 -20.66 -0.35 17.90
N PHE A 172 -19.96 0.69 17.38
CA PHE A 172 -20.50 1.59 16.34
C PHE A 172 -20.57 0.94 14.95
N VAL A 173 -19.79 -0.11 14.70
CA VAL A 173 -19.89 -0.89 13.46
C VAL A 173 -21.20 -1.71 13.57
N GLU A 174 -21.40 -2.38 14.72
CA GLU A 174 -22.59 -3.18 15.01
C GLU A 174 -23.87 -2.34 14.93
N LYS A 175 -23.83 -1.11 15.44
CA LYS A 175 -24.98 -0.21 15.42
C LYS A 175 -25.30 0.28 13.98
N ALA A 176 -24.27 0.48 13.13
CA ALA A 176 -24.45 0.92 11.76
C ALA A 176 -25.15 -0.08 10.85
N LYS A 177 -25.99 0.43 9.96
CA LYS A 177 -26.66 -0.33 8.89
C LYS A 177 -26.00 0.00 7.52
N TYR A 178 -25.29 1.17 7.44
CA TYR A 178 -24.67 1.68 6.25
C TYR A 178 -23.27 2.10 6.60
N ILE A 179 -22.30 1.69 5.78
CA ILE A 179 -20.88 1.98 5.99
C ILE A 179 -20.33 2.53 4.69
N TYR A 180 -19.65 3.69 4.76
CA TYR A 180 -19.06 4.36 3.61
C TYR A 180 -17.58 4.72 3.82
N SER A 181 -16.74 4.53 2.79
CA SER A 181 -15.37 4.99 2.81
C SER A 181 -15.04 5.50 1.41
N ALA A 182 -14.43 6.67 1.28
CA ALA A 182 -13.93 7.15 0.00
C ALA A 182 -12.76 6.21 -0.41
N GLY A 183 -12.57 6.04 -1.72
CA GLY A 183 -11.51 5.17 -2.24
C GLY A 183 -10.12 5.57 -1.76
N PHE A 184 -9.93 6.81 -1.28
CA PHE A 184 -8.64 7.26 -0.74
C PHE A 184 -8.19 6.39 0.44
N PHE A 185 -9.14 5.82 1.21
CA PHE A 185 -8.75 4.98 2.34
C PHE A 185 -8.06 3.66 1.91
N LEU A 186 -8.18 3.26 0.61
CA LEU A 186 -7.48 2.07 0.11
C LEU A 186 -5.95 2.23 0.19
N THR A 187 -5.42 3.47 0.23
CA THR A 187 -3.96 3.65 0.37
C THR A 187 -3.50 3.48 1.83
N VAL A 188 -4.42 3.60 2.81
CA VAL A 188 -4.12 3.59 4.23
C VAL A 188 -4.43 2.23 4.91
N SER A 189 -5.70 1.77 4.92
CA SER A 189 -6.03 0.52 5.61
C SER A 189 -7.03 -0.31 4.80
N PRO A 190 -6.57 -0.93 3.69
CA PRO A 190 -7.47 -1.85 2.98
C PRO A 190 -7.89 -3.03 3.87
N GLU A 191 -7.10 -3.40 4.91
CA GLU A 191 -7.49 -4.49 5.81
C GLU A 191 -8.70 -4.09 6.67
N SER A 192 -8.76 -2.83 7.14
CA SER A 192 -9.91 -2.35 7.94
C SER A 192 -11.17 -2.32 7.08
N MET A 193 -11.03 -1.91 5.81
CA MET A 193 -12.11 -1.87 4.84
C MET A 193 -12.62 -3.28 4.60
N MET A 194 -11.74 -4.24 4.32
CA MET A 194 -12.15 -5.65 4.14
C MET A 194 -12.89 -6.18 5.37
N THR A 195 -12.40 -5.92 6.57
CA THR A 195 -13.01 -6.37 7.83
C THR A 195 -14.46 -5.89 7.98
N VAL A 196 -14.71 -4.59 7.74
CA VAL A 196 -16.06 -4.05 7.89
C VAL A 196 -16.94 -4.43 6.69
N ALA A 197 -16.35 -4.55 5.47
CA ALA A 197 -17.10 -4.96 4.27
C ALA A 197 -17.61 -6.41 4.44
N LYS A 198 -16.76 -7.29 4.99
CA LYS A 198 -17.14 -8.68 5.22
C LYS A 198 -18.19 -8.79 6.33
N HIS A 199 -18.12 -7.92 7.37
CA HIS A 199 -19.13 -7.86 8.42
C HIS A 199 -20.47 -7.46 7.79
N ALA A 200 -20.47 -6.47 6.88
CA ALA A 200 -21.70 -5.99 6.26
C ALA A 200 -22.36 -7.06 5.38
N ALA A 201 -21.54 -7.84 4.66
CA ALA A 201 -21.99 -8.97 3.83
C ALA A 201 -22.63 -10.10 4.66
N GLU A 202 -22.15 -10.33 5.88
CA GLU A 202 -22.70 -11.35 6.77
C GLU A 202 -23.96 -10.90 7.52
N THR A 203 -24.23 -9.59 7.60
CA THR A 203 -25.35 -9.06 8.38
C THR A 203 -26.45 -8.35 7.58
N GLY A 204 -26.38 -8.36 6.24
CA GLY A 204 -27.37 -7.69 5.42
C GLY A 204 -27.28 -6.17 5.42
N LYS A 205 -26.12 -5.62 5.83
CA LYS A 205 -25.91 -4.16 5.84
C LYS A 205 -25.40 -3.71 4.44
N TYR A 206 -25.25 -2.40 4.24
CA TYR A 206 -24.77 -1.85 2.98
C TYR A 206 -23.36 -1.28 3.12
N TYR A 207 -22.42 -1.77 2.28
CA TYR A 207 -21.05 -1.30 2.26
C TYR A 207 -20.87 -0.49 0.96
N MET A 208 -20.28 0.72 1.06
CA MET A 208 -20.23 1.67 -0.03
C MET A 208 -18.92 2.42 -0.08
N ILE A 209 -18.43 2.68 -1.30
CA ILE A 209 -17.19 3.43 -1.53
C ILE A 209 -17.34 4.40 -2.71
N ASN A 210 -16.35 5.30 -2.89
CA ASN A 210 -16.27 6.10 -4.09
C ASN A 210 -14.93 5.77 -4.78
N LEU A 211 -14.81 6.10 -6.07
CA LEU A 211 -13.57 5.86 -6.82
C LEU A 211 -12.48 6.85 -6.41
N ALA A 212 -12.88 8.05 -5.90
CA ALA A 212 -12.05 9.07 -5.26
C ALA A 212 -11.14 9.88 -6.20
N ALA A 213 -10.36 9.22 -7.05
CA ALA A 213 -9.41 9.92 -7.92
C ALA A 213 -8.89 8.99 -8.99
N PRO A 214 -8.45 9.50 -10.17
CA PRO A 214 -7.86 8.60 -11.16
C PRO A 214 -6.67 7.78 -10.62
N PHE A 215 -5.77 8.37 -9.75
CA PHE A 215 -4.61 7.64 -9.21
C PHE A 215 -5.04 6.41 -8.40
N ILE A 216 -6.21 6.45 -7.71
CA ILE A 216 -6.73 5.31 -6.97
C ILE A 216 -7.11 4.19 -7.96
N CYS A 217 -7.85 4.52 -9.04
CA CYS A 217 -8.22 3.55 -10.07
C CYS A 217 -7.01 2.97 -10.80
N GLN A 218 -5.90 3.72 -10.93
CA GLN A 218 -4.72 3.24 -11.66
C GLN A 218 -3.70 2.50 -10.75
N PHE A 219 -3.22 3.16 -9.70
CA PHE A 219 -2.19 2.61 -8.85
C PHE A 219 -2.70 1.72 -7.71
N PHE A 220 -3.96 1.89 -7.30
CA PHE A 220 -4.55 1.05 -6.25
C PHE A 220 -5.70 0.16 -6.83
N LYS A 221 -5.58 -0.21 -8.12
CA LYS A 221 -6.54 -1.07 -8.80
C LYS A 221 -6.67 -2.43 -8.11
N ASP A 222 -5.56 -2.98 -7.59
CA ASP A 222 -5.58 -4.31 -7.01
C ASP A 222 -6.33 -4.31 -5.63
N PRO A 223 -6.00 -3.45 -4.63
CA PRO A 223 -6.82 -3.44 -3.39
C PRO A 223 -8.28 -3.00 -3.66
N LEU A 224 -8.50 -2.16 -4.70
CA LEU A 224 -9.84 -1.74 -5.12
C LEU A 224 -10.66 -2.94 -5.64
N MET A 225 -10.03 -3.80 -6.49
CA MET A 225 -10.71 -4.98 -7.03
C MET A 225 -10.83 -6.12 -6.02
N GLU A 226 -9.99 -6.16 -4.98
CA GLU A 226 -10.15 -7.15 -3.91
C GLU A 226 -11.41 -6.80 -3.07
N LEU A 227 -11.68 -5.51 -2.89
CA LEU A 227 -12.83 -5.03 -2.13
C LEU A 227 -14.13 -4.92 -2.96
N PHE A 228 -14.02 -4.64 -4.27
CA PHE A 228 -15.17 -4.38 -5.14
C PHE A 228 -16.30 -5.47 -5.05
N PRO A 229 -16.03 -6.79 -4.94
CA PRO A 229 -17.16 -7.75 -4.77
C PRO A 229 -18.07 -7.46 -3.56
N TYR A 230 -17.56 -6.74 -2.56
CA TYR A 230 -18.35 -6.42 -1.36
C TYR A 230 -19.01 -5.04 -1.41
N VAL A 231 -18.91 -4.32 -2.56
CA VAL A 231 -19.47 -2.98 -2.69
C VAL A 231 -20.92 -3.02 -3.20
N ASP A 232 -21.86 -2.48 -2.40
CA ASP A 232 -23.29 -2.39 -2.72
C ASP A 232 -23.64 -1.07 -3.46
N PHE A 233 -22.92 0.03 -3.19
CA PHE A 233 -23.10 1.32 -3.87
C PHE A 233 -21.73 1.83 -4.23
N ILE A 234 -21.50 2.08 -5.53
CA ILE A 234 -20.22 2.61 -6.01
C ILE A 234 -20.50 4.00 -6.55
N PHE A 235 -19.83 5.01 -5.97
CA PHE A 235 -19.96 6.40 -6.39
C PHE A 235 -18.67 6.85 -7.10
N GLY A 236 -18.77 7.85 -7.97
CA GLY A 236 -17.61 8.37 -8.68
C GLY A 236 -17.95 9.51 -9.60
N ASN A 237 -16.93 10.24 -10.07
CA ASN A 237 -17.16 11.30 -11.06
C ASN A 237 -16.77 10.75 -12.44
N GLU A 238 -17.10 11.47 -13.52
CA GLU A 238 -16.82 11.01 -14.87
C GLU A 238 -15.33 10.72 -15.15
N SER A 239 -14.39 11.54 -14.62
CA SER A 239 -12.96 11.30 -14.88
C SER A 239 -12.48 10.01 -14.20
N GLU A 240 -13.00 9.71 -13.00
CA GLU A 240 -12.69 8.46 -12.29
C GLU A 240 -13.27 7.25 -13.00
N ALA A 241 -14.54 7.36 -13.49
CA ALA A 241 -15.20 6.28 -14.21
C ALA A 241 -14.42 5.95 -15.49
N ARG A 242 -13.96 6.98 -16.20
CA ARG A 242 -13.17 6.82 -17.42
C ARG A 242 -11.78 6.29 -17.13
N ALA A 243 -11.18 6.69 -15.99
CA ALA A 243 -9.87 6.16 -15.61
C ALA A 243 -10.02 4.65 -15.29
N PHE A 244 -11.09 4.25 -14.55
CA PHE A 244 -11.37 2.85 -14.17
C PHE A 244 -11.57 2.02 -15.41
N ALA A 245 -12.34 2.54 -16.39
CA ALA A 245 -12.61 1.85 -17.65
C ALA A 245 -11.32 1.60 -18.46
N GLN A 246 -10.44 2.60 -18.54
CA GLN A 246 -9.18 2.47 -19.27
C GLN A 246 -8.28 1.40 -18.61
N VAL A 247 -8.25 1.39 -17.27
CA VAL A 247 -7.44 0.45 -16.49
C VAL A 247 -7.95 -0.98 -16.66
N GLN A 248 -9.27 -1.17 -16.67
CA GLN A 248 -9.83 -2.52 -16.80
C GLN A 248 -9.86 -3.06 -18.23
N GLY A 249 -9.40 -2.29 -19.22
CA GLY A 249 -9.43 -2.72 -20.61
C GLY A 249 -10.79 -2.60 -21.28
N TRP A 250 -11.69 -1.77 -20.72
CA TRP A 250 -13.00 -1.53 -21.30
C TRP A 250 -12.76 -0.41 -22.32
N GLU A 251 -12.88 -0.70 -23.61
CA GLU A 251 -12.59 0.27 -24.66
C GLU A 251 -13.79 1.20 -24.84
N THR A 252 -14.03 2.06 -23.85
CA THR A 252 -15.17 2.98 -23.86
C THR A 252 -14.93 4.19 -22.97
N GLU A 253 -15.47 5.32 -23.38
CA GLU A 253 -15.46 6.57 -22.64
C GLU A 253 -16.91 6.98 -22.21
N ASP A 254 -17.96 6.22 -22.65
CA ASP A 254 -19.34 6.52 -22.33
C ASP A 254 -19.60 6.20 -20.87
N THR A 255 -19.90 7.22 -20.07
CA THR A 255 -20.17 7.04 -18.65
C THR A 255 -21.44 6.24 -18.37
N LYS A 256 -22.39 6.21 -19.31
CA LYS A 256 -23.59 5.38 -19.17
C LYS A 256 -23.20 3.88 -19.21
N VAL A 257 -22.35 3.51 -20.18
CA VAL A 257 -21.87 2.14 -20.33
C VAL A 257 -20.99 1.74 -19.11
N ILE A 258 -20.10 2.65 -18.70
CA ILE A 258 -19.17 2.40 -17.57
C ILE A 258 -19.96 2.15 -16.28
N ALA A 259 -21.01 2.97 -16.02
CA ALA A 259 -21.87 2.82 -14.85
C ALA A 259 -22.53 1.43 -14.82
N VAL A 260 -23.10 0.96 -15.96
CA VAL A 260 -23.74 -0.36 -16.10
C VAL A 260 -22.70 -1.46 -15.87
N LYS A 261 -21.49 -1.31 -16.46
CA LYS A 261 -20.41 -2.29 -16.32
C LYS A 261 -19.88 -2.37 -14.88
N LEU A 262 -19.86 -1.25 -14.15
CA LEU A 262 -19.44 -1.23 -12.73
C LEU A 262 -20.46 -1.99 -11.86
N ALA A 263 -21.78 -1.76 -12.10
CA ALA A 263 -22.83 -2.48 -11.40
C ALA A 263 -22.73 -3.98 -11.70
N ALA A 264 -22.42 -4.36 -12.95
CA ALA A 264 -22.35 -5.77 -13.38
C ALA A 264 -21.11 -6.54 -12.97
N LEU A 265 -20.12 -5.93 -12.28
CA LEU A 265 -18.93 -6.67 -11.86
C LEU A 265 -19.30 -7.74 -10.79
N PRO A 266 -18.53 -8.84 -10.65
CA PRO A 266 -18.93 -9.91 -9.71
C PRO A 266 -19.20 -9.44 -8.29
N LYS A 267 -20.07 -10.16 -7.57
CA LYS A 267 -20.39 -9.85 -6.18
C LYS A 267 -20.16 -11.07 -5.29
N ALA A 268 -19.58 -10.82 -4.12
CA ALA A 268 -19.32 -11.88 -3.14
C ALA A 268 -20.61 -12.56 -2.64
N GLY A 269 -21.71 -11.84 -2.63
CA GLY A 269 -23.02 -12.35 -2.23
C GLY A 269 -24.14 -11.62 -2.95
N GLY A 270 -25.26 -12.29 -3.17
CA GLY A 270 -26.40 -11.70 -3.88
C GLY A 270 -27.44 -11.01 -3.03
N THR A 271 -27.16 -10.79 -1.74
CA THR A 271 -28.10 -10.12 -0.81
C THR A 271 -28.61 -8.80 -1.37
N HIS A 272 -27.70 -8.00 -1.91
CA HIS A 272 -28.06 -6.74 -2.54
C HIS A 272 -27.51 -6.71 -3.97
N LYS A 273 -28.15 -5.89 -4.79
CA LYS A 273 -27.61 -5.54 -6.10
C LYS A 273 -26.47 -4.50 -5.82
N ARG A 274 -25.73 -4.12 -6.86
CA ARG A 274 -24.79 -3.04 -6.80
C ARG A 274 -25.36 -1.91 -7.65
N VAL A 275 -25.54 -0.73 -7.05
CA VAL A 275 -25.98 0.48 -7.72
C VAL A 275 -24.71 1.32 -8.02
N ALA A 276 -24.59 1.85 -9.24
CA ALA A 276 -23.50 2.73 -9.65
C ALA A 276 -24.05 4.14 -9.86
N VAL A 277 -23.41 5.14 -9.23
CA VAL A 277 -23.83 6.53 -9.32
C VAL A 277 -22.62 7.33 -9.78
N ILE A 278 -22.68 7.91 -11.00
CA ILE A 278 -21.60 8.68 -11.58
C ILE A 278 -22.01 10.12 -11.80
N THR A 279 -21.40 11.04 -11.05
CA THR A 279 -21.66 12.47 -11.20
C THR A 279 -20.80 13.01 -12.34
N GLN A 280 -21.24 14.11 -12.94
CA GLN A 280 -20.53 14.70 -14.07
C GLN A 280 -20.53 16.25 -14.00
N GLY A 281 -20.24 16.81 -12.83
CA GLY A 281 -20.17 18.26 -12.64
C GLY A 281 -21.47 18.98 -12.96
N THR A 282 -21.52 19.66 -14.12
CA THR A 282 -22.75 20.32 -14.57
C THR A 282 -23.60 19.43 -15.47
N ASP A 283 -23.04 18.31 -15.99
CA ASP A 283 -23.81 17.37 -16.80
C ASP A 283 -24.62 16.43 -15.87
N PRO A 284 -25.67 15.73 -16.36
CA PRO A 284 -26.51 14.94 -15.44
C PRO A 284 -25.81 13.82 -14.66
N THR A 285 -26.34 13.57 -13.46
CA THR A 285 -25.90 12.48 -12.64
C THR A 285 -26.48 11.19 -13.28
N ILE A 286 -25.61 10.18 -13.49
CA ILE A 286 -25.94 8.89 -14.08
C ILE A 286 -26.13 7.87 -12.96
N VAL A 287 -27.24 7.12 -12.98
CA VAL A 287 -27.48 6.01 -12.06
C VAL A 287 -27.77 4.75 -12.88
N ALA A 288 -27.01 3.66 -12.62
CA ALA A 288 -27.26 2.35 -13.21
C ALA A 288 -27.84 1.50 -12.08
N GLU A 289 -29.09 1.04 -12.25
CA GLU A 289 -29.80 0.18 -11.30
C GLU A 289 -30.59 -0.87 -12.10
N ASP A 290 -30.38 -2.17 -11.80
CA ASP A 290 -31.06 -3.28 -12.49
C ASP A 290 -30.91 -3.22 -14.03
N GLY A 291 -29.71 -2.84 -14.49
CA GLY A 291 -29.39 -2.80 -15.90
C GLY A 291 -29.89 -1.61 -16.69
N LYS A 292 -30.64 -0.68 -16.05
CA LYS A 292 -31.16 0.51 -16.73
C LYS A 292 -30.40 1.73 -16.20
N VAL A 293 -30.18 2.70 -17.08
CA VAL A 293 -29.60 4.00 -16.77
C VAL A 293 -30.73 5.05 -16.62
N THR A 294 -30.69 5.83 -15.53
CA THR A 294 -31.55 6.99 -15.33
C THR A 294 -30.61 8.18 -15.15
N GLU A 295 -30.91 9.29 -15.84
CA GLU A 295 -30.11 10.51 -15.78
C GLU A 295 -30.90 11.60 -15.06
N PHE A 296 -30.23 12.35 -14.18
CA PHE A 296 -30.83 13.39 -13.36
C PHE A 296 -30.13 14.70 -13.65
N PRO A 297 -30.75 15.61 -14.45
CA PRO A 297 -30.07 16.88 -14.74
C PRO A 297 -29.73 17.72 -13.51
N VAL A 298 -28.62 18.47 -13.61
CA VAL A 298 -28.15 19.38 -12.56
C VAL A 298 -28.67 20.79 -12.88
N THR A 299 -29.15 21.52 -11.86
CA THR A 299 -29.53 22.92 -12.07
C THR A 299 -28.20 23.66 -11.86
N PRO A 300 -27.58 24.26 -12.90
CA PRO A 300 -26.29 24.92 -12.69
C PRO A 300 -26.40 26.13 -11.78
N ILE A 301 -25.33 26.42 -11.04
CA ILE A 301 -25.25 27.56 -10.15
C ILE A 301 -24.60 28.70 -10.95
N PRO A 302 -25.07 29.97 -10.90
CA PRO A 302 -24.39 31.02 -11.68
C PRO A 302 -22.91 31.14 -11.34
N LYS A 303 -22.09 31.43 -12.36
CA LYS A 303 -20.64 31.60 -12.19
C LYS A 303 -20.32 32.65 -11.10
N GLU A 304 -21.19 33.67 -10.95
CA GLU A 304 -21.08 34.73 -9.94
C GLU A 304 -21.25 34.15 -8.53
N LYS A 305 -22.27 33.28 -8.33
CA LYS A 305 -22.54 32.63 -7.04
C LYS A 305 -21.59 31.48 -6.66
N LEU A 306 -20.78 31.01 -7.62
CA LEU A 306 -19.85 29.92 -7.41
C LEU A 306 -18.59 30.37 -6.64
N VAL A 307 -18.30 29.71 -5.51
CA VAL A 307 -17.09 30.00 -4.72
C VAL A 307 -16.06 28.95 -5.21
N ASP A 308 -16.31 27.64 -4.96
CA ASP A 308 -15.44 26.57 -5.47
C ASP A 308 -16.12 25.20 -5.40
N THR A 309 -15.63 24.28 -6.24
CA THR A 309 -16.18 22.93 -6.34
C THR A 309 -15.44 21.92 -5.44
N ASN A 310 -14.59 22.37 -4.47
CA ASN A 310 -13.95 21.44 -3.57
C ASN A 310 -15.05 20.87 -2.66
N ALA A 311 -15.09 19.54 -2.50
CA ALA A 311 -16.07 18.80 -1.70
C ALA A 311 -17.48 18.74 -2.36
N ALA A 312 -17.62 19.09 -3.66
CA ALA A 312 -18.92 18.96 -4.34
C ALA A 312 -19.34 17.47 -4.45
N GLY A 313 -18.43 16.60 -4.89
CA GLY A 313 -18.72 15.18 -4.99
C GLY A 313 -18.98 14.56 -3.64
N ASP A 314 -18.19 14.93 -2.62
CA ASP A 314 -18.35 14.40 -1.25
C ASP A 314 -19.70 14.80 -0.66
N SER A 315 -20.14 16.03 -0.91
CA SER A 315 -21.40 16.56 -0.42
C SER A 315 -22.57 15.98 -1.21
N PHE A 316 -22.39 15.66 -2.51
CA PHE A 316 -23.41 14.94 -3.28
C PHE A 316 -23.64 13.55 -2.60
N VAL A 317 -22.56 12.84 -2.25
CA VAL A 317 -22.68 11.54 -1.60
C VAL A 317 -23.36 11.70 -0.23
N GLY A 318 -22.98 12.73 0.52
CA GLY A 318 -23.55 13.00 1.84
C GLY A 318 -25.05 13.22 1.79
N GLY A 319 -25.50 13.99 0.80
CA GLY A 319 -26.92 14.24 0.57
C GLY A 319 -27.66 13.00 0.14
N PHE A 320 -27.06 12.24 -0.80
CA PHE A 320 -27.62 10.97 -1.29
C PHE A 320 -27.79 9.98 -0.12
N LEU A 321 -26.73 9.78 0.69
CA LEU A 321 -26.76 8.86 1.83
C LEU A 321 -27.76 9.26 2.92
N SER A 322 -27.99 10.54 3.14
CA SER A 322 -28.94 10.99 4.17
C SER A 322 -30.34 10.48 3.86
N GLN A 323 -30.73 10.42 2.58
CA GLN A 323 -32.04 9.92 2.19
C GLN A 323 -32.06 8.40 2.14
N LEU A 324 -30.95 7.78 1.74
CA LEU A 324 -30.85 6.33 1.65
C LEU A 324 -31.02 5.64 3.01
N VAL A 325 -30.44 6.22 4.08
CA VAL A 325 -30.56 5.69 5.44
C VAL A 325 -32.00 5.89 6.01
N LEU A 326 -32.80 6.81 5.43
CA LEU A 326 -34.20 7.00 5.79
C LEU A 326 -35.17 6.11 4.97
N GLY A 327 -34.64 5.35 4.02
CA GLY A 327 -35.43 4.45 3.20
C GLY A 327 -36.07 5.09 1.99
N LYS A 328 -35.55 6.23 1.50
CA LYS A 328 -36.13 6.90 0.34
C LYS A 328 -35.68 6.23 -0.96
N ASP A 329 -36.45 6.44 -2.05
CA ASP A 329 -36.10 5.89 -3.35
C ASP A 329 -34.84 6.56 -3.92
N ILE A 330 -34.19 5.91 -4.90
CA ILE A 330 -32.97 6.37 -5.54
C ILE A 330 -33.14 7.77 -6.19
N ALA A 331 -34.31 8.08 -6.80
CA ALA A 331 -34.52 9.42 -7.37
C ALA A 331 -34.46 10.53 -6.29
N GLN A 332 -35.06 10.29 -5.11
CA GLN A 332 -35.02 11.25 -4.00
C GLN A 332 -33.59 11.39 -3.45
N CYS A 333 -32.82 10.29 -3.44
CA CYS A 333 -31.42 10.31 -3.01
C CYS A 333 -30.57 11.19 -3.94
N VAL A 334 -30.77 11.07 -5.28
CA VAL A 334 -30.00 11.87 -6.24
C VAL A 334 -30.39 13.34 -6.10
N ARG A 335 -31.70 13.63 -5.91
CA ARG A 335 -32.23 14.99 -5.73
C ARG A 335 -31.60 15.65 -4.49
N ALA A 336 -31.49 14.88 -3.41
CA ALA A 336 -30.89 15.41 -2.18
C ALA A 336 -29.37 15.60 -2.34
N GLY A 337 -28.72 14.75 -3.12
CA GLY A 337 -27.31 14.87 -3.42
C GLY A 337 -26.98 16.12 -4.23
N ASN A 338 -27.76 16.37 -5.31
CA ASN A 338 -27.57 17.55 -6.14
C ASN A 338 -27.82 18.83 -5.32
N TYR A 339 -28.81 18.79 -4.41
CA TYR A 339 -29.11 19.90 -3.51
C TYR A 339 -27.91 20.18 -2.60
N ALA A 340 -27.37 19.16 -1.91
CA ALA A 340 -26.27 19.38 -0.98
C ALA A 340 -25.05 19.93 -1.67
N ALA A 341 -24.67 19.39 -2.83
CA ALA A 341 -23.55 19.89 -3.60
C ALA A 341 -23.78 21.35 -4.04
N SER A 342 -25.02 21.70 -4.49
CA SER A 342 -25.34 23.09 -4.89
C SER A 342 -25.11 24.08 -3.74
N VAL A 343 -25.44 23.68 -2.50
CA VAL A 343 -25.26 24.51 -1.30
C VAL A 343 -23.75 24.72 -1.03
N ILE A 344 -22.98 23.65 -1.13
CA ILE A 344 -21.53 23.64 -0.84
C ILE A 344 -20.68 24.37 -1.87
N ILE A 345 -21.06 24.31 -3.16
CA ILE A 345 -20.29 25.02 -4.18
C ILE A 345 -20.54 26.55 -4.07
N GLN A 346 -21.51 27.03 -3.23
CA GLN A 346 -21.68 28.46 -2.92
C GLN A 346 -20.92 28.83 -1.60
N ARG A 347 -19.88 28.04 -1.23
CA ARG A 347 -19.03 28.29 -0.06
C ARG A 347 -17.61 27.74 -0.33
N SER A 348 -16.65 28.10 0.54
CA SER A 348 -15.26 27.66 0.42
C SER A 348 -15.09 26.27 1.04
N GLY A 349 -14.56 25.33 0.27
CA GLY A 349 -14.37 23.95 0.73
C GLY A 349 -15.66 23.29 1.15
N CYS A 350 -15.59 22.39 2.14
CA CYS A 350 -16.77 21.73 2.67
C CYS A 350 -17.30 22.57 3.84
N THR A 351 -18.01 23.65 3.51
CA THR A 351 -18.60 24.55 4.49
C THR A 351 -20.06 24.74 4.13
N PHE A 352 -20.91 24.86 5.15
CA PHE A 352 -22.34 24.90 4.99
C PHE A 352 -23.02 25.70 6.11
N PRO A 353 -24.28 26.19 5.92
CA PRO A 353 -24.96 26.84 7.06
C PRO A 353 -25.35 25.81 8.14
N SER A 354 -25.74 26.29 9.32
CA SER A 354 -26.06 25.40 10.43
C SER A 354 -27.25 24.45 10.22
N LYS A 355 -28.26 24.82 9.40
CA LYS A 355 -29.44 23.97 9.19
C LYS A 355 -29.92 23.91 7.72
N PRO A 356 -30.30 22.72 7.19
CA PRO A 356 -30.75 22.65 5.78
C PRO A 356 -32.21 23.07 5.54
N SER A 357 -32.60 23.23 4.27
CA SER A 357 -33.96 23.53 3.82
C SER A 357 -34.27 22.69 2.57
N PHE A 358 -34.01 21.37 2.64
CA PHE A 358 -34.24 20.48 1.51
C PHE A 358 -35.75 20.20 1.30
N ALA B 20 29.56 -20.24 14.52
CA ALA B 20 28.35 -20.70 13.85
C ALA B 20 27.39 -21.32 14.88
N SER B 21 27.09 -20.52 15.90
CA SER B 21 26.23 -20.85 17.05
C SER B 21 24.80 -21.15 16.63
N GLU B 22 24.09 -21.95 17.45
CA GLU B 22 22.70 -22.32 17.16
C GLU B 22 21.81 -21.08 16.99
N GLY B 23 21.08 -21.02 15.89
CA GLY B 23 20.17 -19.93 15.59
C GLY B 23 20.76 -18.53 15.60
N VAL B 24 22.09 -18.39 15.38
CA VAL B 24 22.76 -17.09 15.37
C VAL B 24 22.13 -16.11 14.33
N LEU B 25 21.61 -16.62 13.20
CA LEU B 25 20.96 -15.79 12.20
C LEU B 25 19.49 -16.20 12.02
N LEU B 26 18.58 -15.24 12.12
CA LEU B 26 17.15 -15.47 11.92
C LEU B 26 16.66 -14.65 10.72
N GLY B 27 15.85 -15.27 9.86
CA GLY B 27 15.21 -14.57 8.76
C GLY B 27 13.70 -14.64 8.92
N MET B 28 12.99 -13.61 8.46
CA MET B 28 11.54 -13.58 8.51
C MET B 28 11.06 -13.06 7.14
N GLY B 29 10.21 -13.81 6.46
CA GLY B 29 9.72 -13.39 5.16
C GLY B 29 8.55 -14.17 4.61
N ASN B 30 8.44 -14.18 3.28
CA ASN B 30 7.34 -14.81 2.52
C ASN B 30 7.83 -16.11 1.85
N PRO B 31 7.54 -17.30 2.40
CA PRO B 31 8.01 -18.54 1.76
C PRO B 31 7.15 -18.87 0.53
N LEU B 32 7.75 -18.80 -0.65
CA LEU B 32 7.02 -19.01 -1.90
C LEU B 32 7.62 -20.11 -2.73
N LEU B 33 6.78 -20.87 -3.46
CA LEU B 33 7.29 -21.88 -4.38
C LEU B 33 7.43 -21.19 -5.73
N ASP B 34 8.64 -21.21 -6.29
CA ASP B 34 8.89 -20.63 -7.60
C ASP B 34 8.43 -21.57 -8.73
N ILE B 35 7.64 -21.01 -9.65
CA ILE B 35 7.13 -21.67 -10.85
C ILE B 35 7.99 -21.03 -11.93
N SER B 36 9.13 -21.67 -12.22
CA SER B 36 10.11 -21.12 -13.13
C SER B 36 10.05 -21.73 -14.50
N CYS B 37 10.18 -20.88 -15.54
CA CYS B 37 10.17 -21.35 -16.90
C CYS B 37 10.99 -20.44 -17.81
N VAL B 38 11.73 -21.05 -18.74
CA VAL B 38 12.45 -20.33 -19.76
C VAL B 38 11.38 -20.01 -20.80
N VAL B 39 11.07 -18.72 -20.97
CA VAL B 39 10.08 -18.21 -21.94
C VAL B 39 10.85 -17.29 -22.95
N ASP B 40 10.17 -16.44 -23.74
CA ASP B 40 10.85 -15.55 -24.69
C ASP B 40 10.33 -14.08 -24.54
N ASP B 41 10.79 -13.16 -25.40
CA ASP B 41 10.37 -11.75 -25.33
C ASP B 41 8.86 -11.58 -25.54
N ALA B 42 8.26 -12.39 -26.44
CA ALA B 42 6.81 -12.33 -26.73
C ALA B 42 5.97 -12.61 -25.49
N PHE B 43 6.41 -13.59 -24.66
CA PHE B 43 5.72 -13.93 -23.41
C PHE B 43 5.66 -12.74 -22.45
N LEU B 44 6.78 -12.04 -22.23
CA LEU B 44 6.80 -10.88 -21.33
C LEU B 44 5.93 -9.77 -21.89
N GLU B 45 6.02 -9.54 -23.21
CA GLU B 45 5.22 -8.56 -23.95
C GLU B 45 3.70 -8.80 -23.75
N LYS B 46 3.25 -10.07 -23.83
CA LYS B 46 1.84 -10.47 -23.66
C LYS B 46 1.28 -10.06 -22.31
N TYR B 47 2.03 -10.32 -21.21
CA TYR B 47 1.56 -10.01 -19.86
C TYR B 47 2.05 -8.66 -19.28
N GLY B 48 2.64 -7.80 -20.11
CA GLY B 48 3.11 -6.48 -19.67
C GLY B 48 4.18 -6.52 -18.60
N LEU B 49 5.20 -7.35 -18.81
CA LEU B 49 6.25 -7.58 -17.82
C LEU B 49 7.59 -7.02 -18.23
N THR B 50 8.39 -6.65 -17.23
CA THR B 50 9.70 -6.05 -17.43
C THR B 50 10.76 -6.99 -16.86
N LEU B 51 11.85 -7.22 -17.61
CA LEU B 51 12.95 -8.03 -17.13
C LEU B 51 13.63 -7.33 -15.94
N ASN B 52 14.17 -8.16 -15.03
CA ASN B 52 14.84 -7.79 -13.78
C ASN B 52 13.93 -6.89 -12.90
N ASN B 53 12.62 -7.15 -12.95
CA ASN B 53 11.61 -6.47 -12.14
C ASN B 53 10.82 -7.51 -11.32
N ALA B 54 10.21 -7.07 -10.22
CA ALA B 54 9.34 -7.90 -9.39
C ALA B 54 8.07 -7.13 -9.11
N ILE B 55 6.91 -7.81 -9.23
CA ILE B 55 5.59 -7.20 -8.97
C ILE B 55 4.74 -8.17 -8.13
N LEU B 56 3.61 -7.70 -7.60
CA LEU B 56 2.63 -8.57 -6.96
C LEU B 56 1.57 -8.93 -8.04
N ALA B 57 1.16 -10.21 -8.06
CA ALA B 57 0.18 -10.70 -9.04
C ALA B 57 -1.11 -9.93 -9.00
N GLU B 58 -1.67 -9.69 -10.19
CA GLU B 58 -2.96 -9.07 -10.39
C GLU B 58 -3.88 -10.14 -11.05
N ASP B 59 -5.18 -9.87 -11.16
CA ASP B 59 -6.12 -10.79 -11.82
C ASP B 59 -5.67 -11.16 -13.25
N LYS B 60 -5.16 -10.18 -14.03
CA LYS B 60 -4.66 -10.44 -15.40
C LYS B 60 -3.52 -11.48 -15.50
N HIS B 61 -2.87 -11.82 -14.37
CA HIS B 61 -1.80 -12.81 -14.36
C HIS B 61 -2.29 -14.25 -14.11
N LEU B 62 -3.59 -14.47 -13.85
CA LEU B 62 -4.13 -15.84 -13.69
C LEU B 62 -3.91 -16.67 -14.99
N PRO B 63 -4.19 -16.15 -16.22
CA PRO B 63 -3.86 -16.93 -17.43
C PRO B 63 -2.36 -17.21 -17.57
N MET B 64 -1.49 -16.29 -17.08
CA MET B 64 -0.04 -16.45 -17.11
C MET B 64 0.39 -17.70 -16.29
N TYR B 65 -0.15 -17.90 -15.07
CA TYR B 65 0.16 -19.06 -14.24
C TYR B 65 -0.35 -20.36 -14.87
N LYS B 66 -1.50 -20.30 -15.57
CA LYS B 66 -2.06 -21.46 -16.24
C LYS B 66 -1.14 -21.86 -17.40
N GLU B 67 -0.66 -20.87 -18.19
CA GLU B 67 0.26 -21.14 -19.30
C GLU B 67 1.58 -21.72 -18.81
N LEU B 68 2.11 -21.22 -17.66
CA LEU B 68 3.35 -21.76 -17.11
C LEU B 68 3.18 -23.24 -16.76
N ALA B 69 2.06 -23.61 -16.12
CA ALA B 69 1.79 -24.98 -15.71
C ALA B 69 1.78 -25.98 -16.89
N ALA B 70 1.38 -25.53 -18.10
CA ALA B 70 1.35 -26.37 -19.30
C ALA B 70 2.67 -26.37 -20.11
N ASN B 71 3.65 -25.54 -19.75
CA ASN B 71 4.90 -25.45 -20.51
C ASN B 71 5.76 -26.67 -20.22
N PRO B 72 6.33 -27.36 -21.25
CA PRO B 72 7.12 -28.57 -20.95
C PRO B 72 8.40 -28.37 -20.13
N ASP B 73 8.99 -27.15 -20.13
CA ASP B 73 10.22 -26.86 -19.38
C ASP B 73 9.99 -26.24 -18.00
N VAL B 74 8.73 -26.16 -17.52
CA VAL B 74 8.44 -25.57 -16.19
C VAL B 74 9.10 -26.41 -15.08
N GLU B 75 9.55 -25.75 -14.04
CA GLU B 75 10.16 -26.40 -12.90
C GLU B 75 9.70 -25.70 -11.63
N TYR B 76 9.59 -26.47 -10.57
CA TYR B 76 9.07 -26.02 -9.29
C TYR B 76 10.24 -26.11 -8.32
N ILE B 77 10.65 -24.93 -7.77
CA ILE B 77 11.84 -24.76 -6.93
C ILE B 77 11.45 -23.94 -5.68
N ALA B 78 11.99 -24.28 -4.50
CA ALA B 78 11.72 -23.48 -3.30
C ALA B 78 12.29 -22.06 -3.47
N GLY B 79 11.46 -21.05 -3.21
CA GLY B 79 11.81 -19.65 -3.39
C GLY B 79 11.49 -18.78 -2.18
N GLY B 80 11.20 -17.52 -2.45
CA GLY B 80 11.00 -16.51 -1.41
C GLY B 80 12.35 -15.86 -1.15
N ALA B 81 12.43 -14.51 -1.24
CA ALA B 81 13.70 -13.80 -1.13
C ALA B 81 14.46 -14.06 0.20
N THR B 82 13.82 -13.84 1.37
CA THR B 82 14.45 -14.07 2.66
C THR B 82 14.83 -15.54 2.81
N GLN B 83 13.90 -16.45 2.44
CA GLN B 83 14.14 -17.90 2.56
C GLN B 83 15.37 -18.31 1.75
N ASN B 84 15.55 -17.76 0.53
CA ASN B 84 16.72 -18.06 -0.30
C ASN B 84 17.99 -17.61 0.41
N THR B 85 17.99 -16.37 0.94
CA THR B 85 19.15 -15.79 1.65
C THR B 85 19.53 -16.68 2.83
N ILE B 86 18.56 -17.04 3.65
CA ILE B 86 18.81 -17.91 4.80
C ILE B 86 19.34 -19.30 4.38
N ARG B 87 18.75 -19.94 3.35
CA ARG B 87 19.22 -21.28 2.91
C ARG B 87 20.69 -21.22 2.42
N ILE B 88 21.09 -20.10 1.79
CA ILE B 88 22.45 -19.93 1.29
C ILE B 88 23.40 -19.68 2.45
N ALA B 89 22.98 -18.86 3.42
CA ALA B 89 23.81 -18.57 4.58
C ALA B 89 24.09 -19.87 5.35
N GLN B 90 23.07 -20.72 5.48
CA GLN B 90 23.16 -22.02 6.15
C GLN B 90 24.13 -22.97 5.41
N TRP B 91 24.04 -23.00 4.09
CA TRP B 91 24.95 -23.81 3.27
C TRP B 91 26.41 -23.33 3.44
N MET B 92 26.63 -22.01 3.44
CA MET B 92 27.98 -21.44 3.61
C MET B 92 28.52 -21.69 5.03
N LEU B 93 27.66 -21.60 6.04
CA LEU B 93 28.08 -21.85 7.43
C LEU B 93 28.41 -23.32 7.68
N GLY B 94 27.58 -24.22 7.17
CA GLY B 94 27.85 -25.65 7.28
C GLY B 94 27.62 -26.32 8.63
N GLU B 95 27.14 -25.59 9.66
CA GLU B 95 26.82 -26.21 10.94
C GLU B 95 25.31 -26.26 11.04
N SER B 96 24.72 -27.47 11.19
CA SER B 96 23.26 -27.60 11.30
C SER B 96 22.64 -26.68 12.36
N ASN B 97 21.45 -26.11 12.02
CA ASN B 97 20.66 -25.23 12.87
C ASN B 97 21.35 -23.89 13.25
N ALA B 98 22.39 -23.45 12.51
CA ALA B 98 22.96 -22.12 12.73
C ALA B 98 21.97 -21.02 12.32
N THR B 99 20.99 -21.34 11.44
CA THR B 99 19.98 -20.41 10.97
C THR B 99 18.56 -20.86 11.32
N SER B 100 17.65 -19.88 11.35
CA SER B 100 16.22 -20.08 11.61
C SER B 100 15.45 -19.23 10.61
N TYR B 101 14.20 -19.62 10.33
CA TYR B 101 13.36 -18.87 9.39
C TYR B 101 11.91 -18.94 9.78
N PHE B 102 11.22 -17.78 9.77
CA PHE B 102 9.80 -17.66 10.05
C PHE B 102 9.14 -17.14 8.78
N GLY B 103 7.93 -17.62 8.54
CA GLY B 103 7.13 -17.31 7.38
C GLY B 103 5.85 -18.14 7.35
N CYS B 104 4.83 -17.73 6.60
CA CYS B 104 3.54 -18.40 6.58
C CYS B 104 3.27 -19.22 5.33
N VAL B 105 2.79 -20.45 5.52
CA VAL B 105 2.44 -21.37 4.42
C VAL B 105 0.97 -21.84 4.58
N GLY B 106 0.45 -22.53 3.55
CA GLY B 106 -0.87 -23.13 3.58
C GLY B 106 -0.79 -24.58 4.05
N LYS B 107 -1.97 -25.17 4.32
CA LYS B 107 -2.09 -26.56 4.75
C LYS B 107 -2.21 -27.43 3.49
N ASP B 108 -1.14 -27.44 2.68
CA ASP B 108 -1.10 -28.14 1.40
C ASP B 108 0.29 -28.78 1.15
N GLU B 109 0.43 -29.49 0.02
CA GLU B 109 1.67 -30.19 -0.36
C GLU B 109 2.83 -29.22 -0.63
N TYR B 110 2.56 -28.08 -1.26
CA TYR B 110 3.62 -27.09 -1.53
C TYR B 110 4.29 -26.60 -0.23
N GLY B 111 3.49 -26.37 0.80
CA GLY B 111 4.00 -25.96 2.10
C GLY B 111 4.91 -27.01 2.73
N ASP B 112 4.47 -28.27 2.71
CA ASP B 112 5.26 -29.37 3.28
C ASP B 112 6.54 -29.64 2.48
N ARG B 113 6.46 -29.49 1.15
CA ARG B 113 7.61 -29.68 0.26
C ARG B 113 8.76 -28.70 0.58
N MET B 114 8.45 -27.40 0.74
CA MET B 114 9.47 -26.41 1.08
C MET B 114 10.00 -26.65 2.48
N PHE B 115 9.11 -26.98 3.44
CA PHE B 115 9.53 -27.29 4.81
C PHE B 115 10.61 -28.39 4.83
N LYS B 116 10.37 -29.51 4.10
CA LYS B 116 11.28 -30.66 4.08
C LYS B 116 12.61 -30.34 3.43
N LEU B 117 12.60 -29.64 2.30
CA LEU B 117 13.83 -29.30 1.61
C LEU B 117 14.74 -28.40 2.51
N ALA B 118 14.22 -27.27 3.00
CA ALA B 118 14.98 -26.33 3.83
C ALA B 118 15.45 -26.98 5.15
N SER B 119 14.60 -27.78 5.80
CA SER B 119 15.00 -28.48 7.04
C SER B 119 16.17 -29.43 6.78
N GLU B 120 16.13 -30.20 5.67
CA GLU B 120 17.22 -31.12 5.31
C GLU B 120 18.52 -30.38 4.96
N GLY B 121 18.44 -29.11 4.54
CA GLY B 121 19.61 -28.27 4.31
C GLY B 121 20.26 -27.71 5.59
N GLY B 122 19.61 -27.92 6.74
CA GLY B 122 20.08 -27.48 8.05
C GLY B 122 19.36 -26.28 8.65
N VAL B 123 18.42 -25.65 7.92
CA VAL B 123 17.68 -24.49 8.43
C VAL B 123 16.62 -24.93 9.45
N ASN B 124 16.50 -24.21 10.57
CA ASN B 124 15.47 -24.49 11.56
C ASN B 124 14.22 -23.74 11.12
N ILE B 125 13.32 -24.42 10.42
CA ILE B 125 12.10 -23.83 9.87
C ILE B 125 10.99 -23.78 10.90
N ARG B 126 10.48 -22.57 11.17
CA ARG B 126 9.35 -22.37 12.06
C ARG B 126 8.27 -21.65 11.24
N TYR B 127 7.48 -22.42 10.50
CA TYR B 127 6.42 -21.84 9.69
C TYR B 127 5.15 -21.60 10.46
N ASP B 128 4.54 -20.44 10.21
CA ASP B 128 3.18 -20.12 10.62
C ASP B 128 2.31 -20.79 9.54
N VAL B 129 1.03 -21.06 9.86
CA VAL B 129 0.14 -21.75 8.92
C VAL B 129 -1.19 -21.02 8.80
N ASP B 130 -1.69 -20.83 7.55
CA ASP B 130 -3.00 -20.24 7.31
C ASP B 130 -3.96 -21.41 7.07
N GLU B 131 -5.13 -21.37 7.69
CA GLU B 131 -6.12 -22.45 7.60
C GLU B 131 -6.79 -22.60 6.23
N ASP B 132 -7.01 -21.50 5.49
CA ASP B 132 -7.82 -21.55 4.27
C ASP B 132 -7.14 -21.23 2.94
N LEU B 133 -6.01 -20.54 2.95
CA LEU B 133 -5.36 -20.12 1.71
C LEU B 133 -4.23 -21.06 1.27
N PRO B 134 -4.01 -21.26 -0.05
CA PRO B 134 -2.87 -22.09 -0.47
C PRO B 134 -1.52 -21.42 -0.23
N THR B 135 -0.46 -22.23 -0.25
CA THR B 135 0.91 -21.73 -0.09
C THR B 135 1.24 -20.78 -1.24
N GLY B 136 1.95 -19.71 -0.92
CA GLY B 136 2.35 -18.69 -1.87
C GLY B 136 3.26 -19.23 -2.95
N THR B 137 3.17 -18.62 -4.13
CA THR B 137 3.92 -18.98 -5.31
C THR B 137 4.48 -17.73 -6.01
N CYS B 138 5.46 -17.92 -6.87
CA CYS B 138 6.02 -16.83 -7.65
C CYS B 138 6.32 -17.31 -9.04
N GLY B 139 5.85 -16.60 -10.04
CA GLY B 139 6.16 -16.86 -11.42
C GLY B 139 7.53 -16.27 -11.68
N VAL B 140 8.47 -17.10 -12.11
CA VAL B 140 9.84 -16.73 -12.45
C VAL B 140 9.96 -16.94 -13.96
N LEU B 141 9.96 -15.84 -14.70
CA LEU B 141 10.03 -15.92 -16.16
C LEU B 141 11.44 -15.63 -16.57
N VAL B 142 12.12 -16.63 -17.15
CA VAL B 142 13.52 -16.51 -17.52
C VAL B 142 13.65 -16.27 -19.03
N VAL B 143 14.40 -15.21 -19.42
CA VAL B 143 14.68 -14.85 -20.81
C VAL B 143 16.18 -14.58 -20.91
N LYS B 144 16.90 -15.46 -21.62
CA LYS B 144 18.35 -15.37 -21.81
C LYS B 144 19.11 -15.17 -20.49
N GLY B 145 18.74 -15.94 -19.48
CA GLY B 145 19.34 -15.87 -18.16
C GLY B 145 18.78 -14.83 -17.22
N GLU B 146 18.13 -13.79 -17.74
CA GLU B 146 17.57 -12.72 -16.90
C GLU B 146 16.15 -13.12 -16.47
N ARG B 147 15.61 -12.54 -15.39
CA ARG B 147 14.28 -12.96 -14.88
C ARG B 147 13.32 -11.83 -14.54
N SER B 148 12.03 -12.12 -14.62
CA SER B 148 10.94 -11.22 -14.21
C SER B 148 10.10 -12.03 -13.19
N LEU B 149 9.73 -11.40 -12.06
CA LEU B 149 9.04 -12.04 -10.96
C LEU B 149 7.62 -11.53 -10.74
N VAL B 150 6.66 -12.46 -10.57
CA VAL B 150 5.24 -12.13 -10.33
C VAL B 150 4.81 -12.95 -9.10
N ALA B 151 4.75 -12.29 -7.94
CA ALA B 151 4.44 -12.97 -6.68
C ALA B 151 2.93 -13.07 -6.37
N ASN B 152 2.42 -14.28 -6.13
CA ASN B 152 1.05 -14.52 -5.66
C ASN B 152 1.23 -15.02 -4.22
N LEU B 153 1.24 -14.09 -3.28
CA LEU B 153 1.59 -14.39 -1.89
C LEU B 153 0.65 -15.38 -1.21
N SER B 154 -0.67 -15.31 -1.47
CA SER B 154 -1.66 -16.23 -0.88
C SER B 154 -1.45 -16.38 0.69
N ALA B 155 -1.12 -17.58 1.24
CA ALA B 155 -0.92 -17.74 2.69
C ALA B 155 0.30 -17.00 3.25
N ALA B 156 1.32 -16.71 2.42
CA ALA B 156 2.48 -15.94 2.90
C ALA B 156 2.07 -14.54 3.38
N ASN B 157 1.01 -13.96 2.77
CA ASN B 157 0.48 -12.65 3.16
C ASN B 157 -0.28 -12.68 4.52
N LYS B 158 -0.51 -13.87 5.11
CA LYS B 158 -1.24 -14.01 6.35
C LYS B 158 -0.36 -14.31 7.56
N TYR B 159 0.95 -13.96 7.51
CA TYR B 159 1.86 -14.16 8.66
C TYR B 159 1.32 -13.38 9.85
N LYS B 160 1.21 -14.06 11.01
CA LYS B 160 0.65 -13.48 12.22
C LYS B 160 1.72 -13.19 13.24
N ILE B 161 1.69 -11.99 13.83
CA ILE B 161 2.60 -11.62 14.92
C ILE B 161 2.43 -12.61 16.13
N ASP B 162 1.27 -13.27 16.25
CA ASP B 162 1.00 -14.30 17.25
C ASP B 162 2.01 -15.47 17.13
N HIS B 163 2.41 -15.86 15.90
CA HIS B 163 3.45 -16.89 15.69
C HIS B 163 4.80 -16.40 16.25
N LEU B 164 5.21 -15.17 15.93
CA LEU B 164 6.45 -14.59 16.43
C LEU B 164 6.52 -14.56 17.97
N LYS B 165 5.41 -14.21 18.62
CA LYS B 165 5.37 -14.06 20.07
C LYS B 165 5.14 -15.38 20.83
N LYS B 166 4.97 -16.54 20.14
CA LYS B 166 4.83 -17.83 20.84
C LYS B 166 6.15 -18.09 21.62
N PRO B 167 6.13 -18.51 22.91
CA PRO B 167 7.42 -18.72 23.62
C PRO B 167 8.46 -19.56 22.88
N GLU B 168 8.04 -20.61 22.21
CA GLU B 168 8.95 -21.50 21.47
C GLU B 168 9.57 -20.85 20.22
N ASN B 169 8.89 -19.87 19.60
CA ASN B 169 9.43 -19.15 18.44
C ASN B 169 10.21 -17.93 18.91
N TRP B 170 9.74 -17.24 19.98
CA TRP B 170 10.47 -16.10 20.51
C TRP B 170 11.86 -16.54 21.02
N ALA B 171 12.02 -17.81 21.48
CA ALA B 171 13.31 -18.38 21.88
C ALA B 171 14.35 -18.20 20.77
N PHE B 172 13.92 -18.36 19.51
CA PHE B 172 14.82 -18.23 18.38
C PHE B 172 15.16 -16.77 18.05
N VAL B 173 14.34 -15.80 18.46
CA VAL B 173 14.66 -14.37 18.32
C VAL B 173 15.77 -14.08 19.39
N GLU B 174 15.53 -14.53 20.63
CA GLU B 174 16.47 -14.39 21.75
C GLU B 174 17.84 -15.03 21.44
N LYS B 175 17.86 -16.24 20.83
CA LYS B 175 19.12 -16.91 20.42
C LYS B 175 19.86 -16.15 19.30
N ALA B 176 19.12 -15.51 18.38
CA ALA B 176 19.73 -14.80 17.27
C ALA B 176 20.50 -13.56 17.68
N LYS B 177 21.62 -13.33 17.01
CA LYS B 177 22.44 -12.13 17.12
C LYS B 177 22.24 -11.24 15.85
N TYR B 178 21.82 -11.84 14.71
CA TYR B 178 21.61 -11.20 13.42
C TYR B 178 20.23 -11.58 12.95
N ILE B 179 19.44 -10.58 12.49
CA ILE B 179 18.08 -10.76 11.99
C ILE B 179 18.00 -10.07 10.63
N TYR B 180 17.48 -10.79 9.61
CA TYR B 180 17.34 -10.29 8.26
C TYR B 180 15.94 -10.51 7.68
N SER B 181 15.41 -9.53 6.96
CA SER B 181 14.17 -9.67 6.22
C SER B 181 14.32 -8.91 4.92
N ALA B 182 13.94 -9.52 3.79
CA ALA B 182 13.90 -8.82 2.52
C ALA B 182 12.78 -7.76 2.62
N GLY B 183 12.93 -6.63 1.92
CA GLY B 183 11.94 -5.57 1.95
C GLY B 183 10.54 -6.01 1.53
N PHE B 184 10.42 -7.17 0.84
CA PHE B 184 9.10 -7.72 0.45
C PHE B 184 8.22 -7.99 1.68
N PHE B 185 8.82 -8.29 2.84
CA PHE B 185 8.02 -8.56 4.04
C PHE B 185 7.30 -7.30 4.56
N LEU B 186 7.70 -6.07 4.12
CA LEU B 186 7.00 -4.85 4.49
C LEU B 186 5.56 -4.83 3.99
N THR B 187 5.22 -5.61 2.93
CA THR B 187 3.83 -5.66 2.45
C THR B 187 2.96 -6.59 3.32
N VAL B 188 3.58 -7.50 4.09
CA VAL B 188 2.90 -8.52 4.86
C VAL B 188 2.79 -8.19 6.37
N SER B 189 3.94 -8.04 7.10
CA SER B 189 3.90 -7.78 8.52
C SER B 189 4.93 -6.76 8.96
N PRO B 190 4.72 -5.47 8.63
CA PRO B 190 5.63 -4.45 9.14
C PRO B 190 5.62 -4.40 10.68
N GLU B 191 4.53 -4.85 11.36
CA GLU B 191 4.48 -4.87 12.84
C GLU B 191 5.47 -5.92 13.40
N SER B 192 5.58 -7.09 12.75
CA SER B 192 6.52 -8.12 13.20
C SER B 192 7.98 -7.62 13.01
N MET B 193 8.25 -6.97 11.87
CA MET B 193 9.57 -6.39 11.55
C MET B 193 9.98 -5.37 12.59
N MET B 194 9.04 -4.45 12.96
CA MET B 194 9.28 -3.41 13.96
C MET B 194 9.53 -4.03 15.35
N THR B 195 8.74 -5.06 15.75
CA THR B 195 8.90 -5.76 17.03
C THR B 195 10.31 -6.36 17.16
N VAL B 196 10.79 -7.09 16.13
CA VAL B 196 12.14 -7.68 16.22
C VAL B 196 13.24 -6.60 16.04
N ALA B 197 13.00 -5.56 15.22
CA ALA B 197 13.98 -4.49 15.03
C ALA B 197 14.21 -3.74 16.36
N LYS B 198 13.12 -3.46 17.10
CA LYS B 198 13.21 -2.78 18.39
C LYS B 198 13.88 -3.68 19.45
N HIS B 199 13.63 -5.01 19.39
CA HIS B 199 14.32 -5.97 20.27
C HIS B 199 15.82 -5.93 19.99
N ALA B 200 16.22 -5.89 18.71
CA ALA B 200 17.63 -5.89 18.32
C ALA B 200 18.34 -4.61 18.80
N ALA B 201 17.66 -3.46 18.71
CA ALA B 201 18.16 -2.17 19.18
C ALA B 201 18.38 -2.12 20.71
N GLU B 202 17.54 -2.84 21.47
CA GLU B 202 17.66 -2.90 22.92
C GLU B 202 18.72 -3.91 23.40
N THR B 203 19.14 -4.87 22.55
CA THR B 203 20.05 -5.93 22.95
C THR B 203 21.42 -5.94 22.23
N GLY B 204 21.73 -4.93 21.42
CA GLY B 204 23.00 -4.89 20.71
C GLY B 204 23.13 -5.85 19.54
N LYS B 205 22.00 -6.36 19.04
CA LYS B 205 21.99 -7.28 17.90
C LYS B 205 21.96 -6.47 16.59
N TYR B 206 22.07 -7.15 15.45
CA TYR B 206 22.04 -6.50 14.14
C TYR B 206 20.75 -6.79 13.40
N TYR B 207 20.03 -5.73 12.98
CA TYR B 207 18.81 -5.85 12.22
C TYR B 207 19.11 -5.38 10.79
N MET B 208 18.69 -6.16 9.79
CA MET B 208 19.09 -5.96 8.40
C MET B 208 17.96 -6.26 7.44
N ILE B 209 17.88 -5.45 6.35
CA ILE B 209 16.88 -5.62 5.31
C ILE B 209 17.49 -5.41 3.93
N ASN B 210 16.73 -5.72 2.86
CA ASN B 210 17.10 -5.34 1.51
C ASN B 210 15.98 -4.44 0.96
N LEU B 211 16.28 -3.68 -0.09
CA LEU B 211 15.27 -2.82 -0.72
C LEU B 211 14.26 -3.62 -1.53
N ALA B 212 14.66 -4.83 -2.01
CA ALA B 212 13.86 -5.88 -2.63
C ALA B 212 13.35 -5.58 -4.06
N ALA B 213 12.67 -4.45 -4.27
CA ALA B 213 12.10 -4.11 -5.59
C ALA B 213 11.74 -2.61 -5.65
N PRO B 214 11.71 -1.98 -6.86
CA PRO B 214 11.30 -0.57 -6.91
C PRO B 214 9.90 -0.32 -6.34
N PHE B 215 8.92 -1.25 -6.53
CA PHE B 215 7.57 -1.03 -5.96
C PHE B 215 7.60 -0.95 -4.42
N ILE B 216 8.59 -1.62 -3.78
CA ILE B 216 8.73 -1.50 -2.32
C ILE B 216 9.19 -0.07 -1.97
N CYS B 217 10.23 0.44 -2.65
CA CYS B 217 10.73 1.80 -2.43
C CYS B 217 9.70 2.88 -2.77
N GLN B 218 8.79 2.63 -3.73
CA GLN B 218 7.80 3.63 -4.13
C GLN B 218 6.47 3.54 -3.34
N PHE B 219 5.83 2.37 -3.35
CA PHE B 219 4.52 2.19 -2.73
C PHE B 219 4.56 1.84 -1.24
N PHE B 220 5.67 1.29 -0.75
CA PHE B 220 5.83 0.97 0.67
C PHE B 220 6.94 1.84 1.33
N LYS B 221 7.12 3.06 0.79
CA LYS B 221 8.10 4.01 1.31
C LYS B 221 7.85 4.37 2.77
N ASP B 222 6.57 4.46 3.19
CA ASP B 222 6.26 4.91 4.53
C ASP B 222 6.61 3.81 5.58
N PRO B 223 6.14 2.53 5.51
CA PRO B 223 6.63 1.53 6.49
C PRO B 223 8.14 1.32 6.37
N LEU B 224 8.72 1.42 5.13
CA LEU B 224 10.16 1.31 4.93
C LEU B 224 10.91 2.39 5.74
N MET B 225 10.44 3.67 5.69
CA MET B 225 11.07 4.76 6.43
C MET B 225 10.76 4.74 7.94
N GLU B 226 9.67 4.09 8.36
CA GLU B 226 9.40 3.92 9.79
C GLU B 226 10.41 2.90 10.38
N LEU B 227 10.78 1.89 9.60
CA LEU B 227 11.73 0.87 10.01
C LEU B 227 13.21 1.26 9.80
N PHE B 228 13.50 2.06 8.77
CA PHE B 228 14.87 2.41 8.38
C PHE B 228 15.77 2.91 9.55
N PRO B 229 15.28 3.72 10.52
CA PRO B 229 16.15 4.11 11.65
C PRO B 229 16.74 2.92 12.42
N TYR B 230 16.07 1.73 12.39
CA TYR B 230 16.53 0.53 13.10
C TYR B 230 17.38 -0.42 12.21
N VAL B 231 17.72 -0.01 10.98
CA VAL B 231 18.47 -0.86 10.05
C VAL B 231 19.98 -0.63 10.18
N ASP B 232 20.72 -1.69 10.51
CA ASP B 232 22.18 -1.68 10.67
C ASP B 232 22.91 -2.02 9.36
N PHE B 233 22.30 -2.85 8.47
CA PHE B 233 22.85 -3.18 7.16
C PHE B 233 21.71 -3.10 6.16
N ILE B 234 21.90 -2.30 5.08
CA ILE B 234 20.91 -2.11 4.02
C ILE B 234 21.56 -2.63 2.74
N PHE B 235 20.90 -3.63 2.14
CA PHE B 235 21.30 -4.30 0.90
C PHE B 235 20.32 -3.87 -0.20
N GLY B 236 20.82 -3.85 -1.42
CA GLY B 236 19.98 -3.51 -2.57
C GLY B 236 20.73 -3.60 -3.88
N ASN B 237 19.99 -3.61 -4.99
CA ASN B 237 20.64 -3.59 -6.30
C ASN B 237 20.56 -2.13 -6.83
N GLU B 238 21.29 -1.84 -7.93
CA GLU B 238 21.33 -0.48 -8.46
C GLU B 238 19.95 0.10 -8.85
N SER B 239 19.02 -0.71 -9.40
CA SER B 239 17.71 -0.18 -9.79
C SER B 239 16.87 0.22 -8.56
N GLU B 240 16.94 -0.55 -7.46
CA GLU B 240 16.24 -0.22 -6.22
C GLU B 240 16.87 1.01 -5.55
N ALA B 241 18.23 1.12 -5.57
CA ALA B 241 18.92 2.29 -4.99
C ALA B 241 18.49 3.58 -5.70
N ARG B 242 18.43 3.57 -7.05
CA ARG B 242 18.00 4.75 -7.82
C ARG B 242 16.51 5.05 -7.60
N ALA B 243 15.68 4.02 -7.44
CA ALA B 243 14.25 4.19 -7.16
C ALA B 243 14.05 4.83 -5.80
N PHE B 244 14.82 4.38 -4.78
CA PHE B 244 14.78 4.94 -3.43
C PHE B 244 15.22 6.40 -3.47
N ALA B 245 16.32 6.68 -4.18
CA ALA B 245 16.84 8.04 -4.34
C ALA B 245 15.79 8.97 -4.97
N GLN B 246 15.08 8.53 -6.06
CA GLN B 246 14.05 9.34 -6.73
C GLN B 246 12.88 9.63 -5.79
N VAL B 247 12.47 8.63 -5.01
CA VAL B 247 11.37 8.74 -4.05
C VAL B 247 11.74 9.71 -2.90
N GLN B 248 13.02 9.70 -2.41
CA GLN B 248 13.48 10.61 -1.34
C GLN B 248 13.80 12.04 -1.80
N GLY B 249 13.67 12.35 -3.10
CA GLY B 249 14.00 13.67 -3.62
C GLY B 249 15.49 13.93 -3.76
N TRP B 250 16.30 12.84 -3.79
CA TRP B 250 17.75 12.95 -3.97
C TRP B 250 17.93 13.00 -5.49
N GLU B 251 18.37 14.12 -6.03
CA GLU B 251 18.50 14.29 -7.48
C GLU B 251 19.79 13.66 -7.97
N THR B 252 19.88 12.32 -7.92
CA THR B 252 21.08 11.59 -8.29
C THR B 252 20.78 10.15 -8.69
N GLU B 253 21.57 9.65 -9.62
CA GLU B 253 21.55 8.26 -10.08
C GLU B 253 22.88 7.54 -9.73
N ASP B 254 23.89 8.26 -9.16
CA ASP B 254 25.18 7.67 -8.79
C ASP B 254 25.00 6.77 -7.57
N THR B 255 25.24 5.46 -7.75
CA THR B 255 25.09 4.49 -6.67
C THR B 255 26.13 4.76 -5.54
N LYS B 256 27.32 5.27 -5.89
CA LYS B 256 28.34 5.67 -4.89
C LYS B 256 27.77 6.70 -3.90
N VAL B 257 27.06 7.72 -4.41
CA VAL B 257 26.44 8.80 -3.61
C VAL B 257 25.23 8.25 -2.83
N ILE B 258 24.41 7.44 -3.51
CA ILE B 258 23.23 6.84 -2.91
C ILE B 258 23.62 5.94 -1.71
N ALA B 259 24.70 5.16 -1.85
CA ALA B 259 25.16 4.28 -0.76
C ALA B 259 25.56 5.09 0.48
N VAL B 260 26.28 6.19 0.26
CA VAL B 260 26.72 7.07 1.34
C VAL B 260 25.49 7.73 2.02
N LYS B 261 24.53 8.20 1.20
CA LYS B 261 23.31 8.85 1.70
C LYS B 261 22.39 7.86 2.47
N LEU B 262 22.35 6.58 2.05
CA LEU B 262 21.58 5.55 2.74
C LEU B 262 22.17 5.32 4.13
N ALA B 263 23.49 5.16 4.20
CA ALA B 263 24.20 4.98 5.46
C ALA B 263 23.99 6.19 6.39
N ALA B 264 23.98 7.41 5.83
CA ALA B 264 23.84 8.66 6.60
C ALA B 264 22.43 9.00 7.08
N LEU B 265 21.39 8.21 6.73
CA LEU B 265 20.03 8.52 7.19
C LEU B 265 19.95 8.38 8.75
N PRO B 266 19.01 9.08 9.44
CA PRO B 266 18.97 9.00 10.90
C PRO B 266 18.88 7.58 11.47
N LYS B 267 19.42 7.39 12.68
CA LYS B 267 19.37 6.10 13.37
C LYS B 267 18.73 6.24 14.74
N ALA B 268 17.89 5.28 15.11
CA ALA B 268 17.21 5.25 16.40
C ALA B 268 18.21 5.14 17.59
N GLY B 269 19.35 4.53 17.36
CA GLY B 269 20.41 4.40 18.35
C GLY B 269 21.77 4.32 17.70
N GLY B 270 22.82 4.77 18.39
CA GLY B 270 24.17 4.76 17.86
C GLY B 270 25.01 3.54 18.15
N THR B 271 24.40 2.45 18.66
CA THR B 271 25.11 1.21 18.98
C THR B 271 25.95 0.71 17.81
N HIS B 272 25.34 0.72 16.62
CA HIS B 272 26.04 0.34 15.41
C HIS B 272 25.93 1.45 14.38
N LYS B 273 26.89 1.46 13.45
CA LYS B 273 26.79 2.32 12.27
C LYS B 273 25.78 1.60 11.33
N ARG B 274 25.44 2.24 10.21
CA ARG B 274 24.66 1.60 9.16
C ARG B 274 25.60 1.45 7.97
N VAL B 275 25.76 0.23 7.50
CA VAL B 275 26.55 -0.10 6.31
C VAL B 275 25.53 -0.27 5.13
N ALA B 276 25.86 0.33 3.96
CA ALA B 276 25.05 0.22 2.74
C ALA B 276 25.85 -0.60 1.72
N VAL B 277 25.22 -1.64 1.16
CA VAL B 277 25.84 -2.54 0.19
C VAL B 277 24.91 -2.59 -1.03
N ILE B 278 25.38 -2.07 -2.18
CA ILE B 278 24.61 -2.01 -3.41
C ILE B 278 25.29 -2.84 -4.49
N THR B 279 24.63 -3.94 -4.91
CA THR B 279 25.11 -4.80 -5.99
C THR B 279 24.71 -4.18 -7.32
N GLN B 280 25.53 -4.40 -8.36
CA GLN B 280 25.29 -3.84 -9.70
C GLN B 280 25.42 -4.90 -10.82
N GLY B 281 24.90 -6.12 -10.58
CA GLY B 281 24.98 -7.22 -11.54
C GLY B 281 26.40 -7.63 -11.87
N THR B 282 26.83 -7.42 -13.13
CA THR B 282 28.21 -7.69 -13.56
C THR B 282 29.14 -6.52 -13.21
N ASP B 283 28.60 -5.33 -12.86
CA ASP B 283 29.42 -4.19 -12.44
C ASP B 283 29.79 -4.35 -10.94
N PRO B 284 30.84 -3.64 -10.43
CA PRO B 284 31.26 -3.90 -9.03
C PRO B 284 30.24 -3.62 -7.94
N THR B 285 30.38 -4.33 -6.81
CA THR B 285 29.53 -4.15 -5.65
C THR B 285 30.06 -2.94 -4.89
N ILE B 286 29.16 -2.05 -4.48
CA ILE B 286 29.50 -0.81 -3.81
C ILE B 286 29.20 -0.96 -2.32
N VAL B 287 30.17 -0.61 -1.44
CA VAL B 287 29.95 -0.58 0.01
C VAL B 287 30.30 0.83 0.57
N ALA B 288 29.37 1.42 1.32
CA ALA B 288 29.60 2.67 2.03
C ALA B 288 29.70 2.29 3.50
N GLU B 289 30.88 2.59 4.11
CA GLU B 289 31.14 2.32 5.52
C GLU B 289 31.96 3.49 6.08
N ASP B 290 31.49 4.12 7.17
CA ASP B 290 32.17 5.27 7.81
C ASP B 290 32.48 6.42 6.82
N GLY B 291 31.54 6.67 5.91
CA GLY B 291 31.65 7.76 4.94
C GLY B 291 32.53 7.51 3.73
N LYS B 292 33.17 6.32 3.63
CA LYS B 292 34.01 6.00 2.45
C LYS B 292 33.37 4.89 1.62
N VAL B 293 33.64 4.91 0.31
CA VAL B 293 33.10 3.97 -0.64
C VAL B 293 34.19 3.04 -1.15
N THR B 294 33.92 1.73 -1.10
CA THR B 294 34.81 0.71 -1.64
C THR B 294 34.02 -0.08 -2.71
N GLU B 295 34.65 -0.29 -3.88
CA GLU B 295 34.07 -1.02 -4.99
C GLU B 295 34.77 -2.41 -5.04
N PHE B 296 34.00 -3.45 -5.38
CA PHE B 296 34.51 -4.83 -5.41
C PHE B 296 34.15 -5.46 -6.76
N PRO B 297 35.09 -5.59 -7.72
CA PRO B 297 34.70 -6.15 -9.03
C PRO B 297 34.16 -7.57 -8.98
N VAL B 298 33.24 -7.86 -9.91
CA VAL B 298 32.62 -9.17 -10.07
C VAL B 298 33.40 -9.95 -11.14
N THR B 299 33.66 -11.25 -10.91
CA THR B 299 34.29 -12.08 -11.93
C THR B 299 33.07 -12.58 -12.74
N PRO B 300 32.87 -12.15 -14.01
CA PRO B 300 31.67 -12.60 -14.73
C PRO B 300 31.70 -14.10 -15.03
N ILE B 301 30.52 -14.71 -15.09
CA ILE B 301 30.37 -16.13 -15.39
C ILE B 301 30.14 -16.25 -16.90
N PRO B 302 30.78 -17.20 -17.64
CA PRO B 302 30.49 -17.30 -19.09
C PRO B 302 29.02 -17.56 -19.41
N LYS B 303 28.55 -17.13 -20.58
CA LYS B 303 27.15 -17.35 -20.99
C LYS B 303 26.82 -18.84 -21.09
N GLU B 304 27.76 -19.65 -21.62
CA GLU B 304 27.59 -21.11 -21.72
C GLU B 304 27.31 -21.82 -20.37
N LYS B 305 27.78 -21.25 -19.25
CA LYS B 305 27.54 -21.84 -17.92
C LYS B 305 26.45 -21.09 -17.12
N LEU B 306 25.96 -19.93 -17.62
CA LEU B 306 24.88 -19.20 -16.95
C LEU B 306 23.55 -19.94 -17.17
N VAL B 307 22.86 -20.30 -16.08
CA VAL B 307 21.56 -20.93 -16.15
C VAL B 307 20.55 -19.76 -16.00
N ASP B 308 20.51 -19.08 -14.82
CA ASP B 308 19.68 -17.90 -14.62
C ASP B 308 20.11 -17.10 -13.37
N THR B 309 19.78 -15.81 -13.37
CA THR B 309 20.12 -14.89 -12.30
C THR B 309 19.03 -14.79 -11.23
N ASN B 310 18.01 -15.70 -11.22
CA ASN B 310 16.99 -15.66 -10.18
C ASN B 310 17.70 -16.08 -8.87
N ALA B 311 17.49 -15.31 -7.80
CA ALA B 311 18.10 -15.50 -6.49
C ALA B 311 19.61 -15.11 -6.43
N ALA B 312 20.16 -14.40 -7.43
CA ALA B 312 21.55 -13.93 -7.38
C ALA B 312 21.74 -12.91 -6.24
N GLY B 313 20.86 -11.90 -6.14
CA GLY B 313 20.96 -10.91 -5.06
C GLY B 313 20.75 -11.54 -3.71
N ASP B 314 19.75 -12.47 -3.60
CA ASP B 314 19.47 -13.16 -2.33
C ASP B 314 20.65 -14.00 -1.87
N SER B 315 21.33 -14.64 -2.84
CA SER B 315 22.46 -15.47 -2.57
C SER B 315 23.66 -14.64 -2.19
N PHE B 316 23.85 -13.48 -2.84
CA PHE B 316 24.91 -12.54 -2.46
C PHE B 316 24.74 -12.14 -0.98
N VAL B 317 23.49 -11.77 -0.58
CA VAL B 317 23.21 -11.40 0.82
C VAL B 317 23.52 -12.60 1.75
N GLY B 318 23.09 -13.82 1.39
CA GLY B 318 23.38 -15.00 2.18
C GLY B 318 24.86 -15.28 2.40
N GLY B 319 25.65 -15.18 1.32
CA GLY B 319 27.10 -15.34 1.40
C GLY B 319 27.74 -14.28 2.26
N PHE B 320 27.32 -13.02 2.10
CA PHE B 320 27.80 -11.89 2.89
C PHE B 320 27.50 -12.14 4.39
N LEU B 321 26.24 -12.49 4.71
CA LEU B 321 25.81 -12.74 6.09
C LEU B 321 26.52 -13.92 6.76
N SER B 322 26.88 -14.98 6.00
CA SER B 322 27.56 -16.13 6.58
C SER B 322 28.92 -15.73 7.18
N GLN B 323 29.61 -14.77 6.55
CA GLN B 323 30.90 -14.30 7.05
C GLN B 323 30.73 -13.26 8.15
N LEU B 324 29.67 -12.42 8.08
CA LEU B 324 29.38 -11.41 9.13
C LEU B 324 29.14 -12.14 10.48
N VAL B 325 28.45 -13.29 10.42
CA VAL B 325 28.18 -14.17 11.57
C VAL B 325 29.49 -14.73 12.14
N LEU B 326 30.49 -14.98 11.30
CA LEU B 326 31.78 -15.47 11.75
C LEU B 326 32.77 -14.36 12.18
N GLY B 327 32.31 -13.10 12.28
CA GLY B 327 33.13 -11.98 12.69
C GLY B 327 34.14 -11.52 11.66
N LYS B 328 33.94 -11.83 10.36
CA LYS B 328 34.90 -11.44 9.32
C LYS B 328 34.73 -9.97 8.92
N ASP B 329 35.78 -9.39 8.31
CA ASP B 329 35.73 -8.02 7.83
C ASP B 329 34.79 -7.89 6.62
N ILE B 330 34.34 -6.66 6.34
CA ILE B 330 33.41 -6.35 5.25
C ILE B 330 33.95 -6.79 3.86
N ALA B 331 35.27 -6.67 3.59
CA ALA B 331 35.83 -7.15 2.31
C ALA B 331 35.63 -8.66 2.14
N GLN B 332 35.84 -9.46 3.20
CA GLN B 332 35.64 -10.91 3.14
C GLN B 332 34.15 -11.24 2.97
N CYS B 333 33.25 -10.44 3.57
CA CYS B 333 31.80 -10.61 3.42
C CYS B 333 31.37 -10.38 1.96
N VAL B 334 31.91 -9.35 1.30
CA VAL B 334 31.55 -9.07 -0.09
C VAL B 334 32.09 -10.16 -1.00
N ARG B 335 33.34 -10.60 -0.76
CA ARG B 335 33.91 -11.65 -1.58
C ARG B 335 33.11 -12.95 -1.42
N ALA B 336 32.64 -13.30 -0.19
CA ALA B 336 31.80 -14.49 0.01
C ALA B 336 30.42 -14.34 -0.66
N GLY B 337 29.90 -13.12 -0.71
CA GLY B 337 28.65 -12.83 -1.38
C GLY B 337 28.74 -13.01 -2.88
N ASN B 338 29.82 -12.46 -3.50
CA ASN B 338 30.04 -12.60 -4.94
C ASN B 338 30.22 -14.08 -5.30
N TYR B 339 30.93 -14.84 -4.43
CA TYR B 339 31.12 -16.27 -4.60
C TYR B 339 29.77 -17.01 -4.59
N ALA B 340 28.90 -16.75 -3.60
CA ALA B 340 27.63 -17.46 -3.42
C ALA B 340 26.69 -17.20 -4.60
N ALA B 341 26.64 -15.96 -5.08
CA ALA B 341 25.85 -15.61 -6.24
C ALA B 341 26.41 -16.29 -7.51
N SER B 342 27.75 -16.33 -7.68
CA SER B 342 28.36 -16.99 -8.85
C SER B 342 27.98 -18.49 -8.92
N VAL B 343 27.91 -19.18 -7.76
CA VAL B 343 27.56 -20.59 -7.68
C VAL B 343 26.09 -20.81 -8.08
N ILE B 344 25.17 -20.04 -7.49
CA ILE B 344 23.73 -20.17 -7.71
C ILE B 344 23.32 -19.76 -9.13
N ILE B 345 24.04 -18.81 -9.73
CA ILE B 345 23.83 -18.39 -11.13
C ILE B 345 23.99 -19.60 -12.09
N GLN B 346 24.89 -20.52 -11.76
CA GLN B 346 25.15 -21.71 -12.56
C GLN B 346 24.13 -22.84 -12.21
N ARG B 347 22.92 -22.50 -11.67
CA ARG B 347 21.80 -23.38 -11.29
C ARG B 347 20.44 -22.67 -11.54
N SER B 348 19.36 -23.46 -11.67
CA SER B 348 18.00 -22.93 -11.86
C SER B 348 17.47 -22.45 -10.51
N GLY B 349 17.17 -21.14 -10.39
CA GLY B 349 16.71 -20.54 -9.14
C GLY B 349 17.63 -20.80 -7.97
N CYS B 350 17.05 -20.99 -6.76
CA CYS B 350 17.83 -21.31 -5.57
C CYS B 350 17.68 -22.80 -5.27
N THR B 351 18.57 -23.63 -5.87
CA THR B 351 18.59 -25.10 -5.68
C THR B 351 19.84 -25.49 -4.88
#